data_1UQA
# 
_entry.id   1UQA 
# 
_audit_conform.dict_name       mmcif_pdbx.dic 
_audit_conform.dict_version    5.392 
_audit_conform.dict_location   http://mmcif.pdb.org/dictionaries/ascii/mmcif_pdbx.dic 
# 
loop_
_database_2.database_id 
_database_2.database_code 
_database_2.pdbx_database_accession 
_database_2.pdbx_DOI 
PDB   1UQA         pdb_00001uqa 10.2210/pdb1uqa/pdb 
WWPDB D_1000176967 ?            ?                   
# 
loop_
_pdbx_audit_revision_history.ordinal 
_pdbx_audit_revision_history.data_content_type 
_pdbx_audit_revision_history.major_revision 
_pdbx_audit_revision_history.minor_revision 
_pdbx_audit_revision_history.revision_date 
1 'Structure model' 1 0 1997-01-27 
2 'Structure model' 1 1 2008-03-24 
3 'Structure model' 1 2 2011-07-13 
4 'Structure model' 1 3 2022-03-02 
5 'Structure model' 1 4 2024-05-22 
# 
_pdbx_audit_revision_details.ordinal             1 
_pdbx_audit_revision_details.revision_ordinal    1 
_pdbx_audit_revision_details.data_content_type   'Structure model' 
_pdbx_audit_revision_details.provider            repository 
_pdbx_audit_revision_details.type                'Initial release' 
_pdbx_audit_revision_details.description         ? 
_pdbx_audit_revision_details.details             ? 
# 
loop_
_pdbx_audit_revision_group.ordinal 
_pdbx_audit_revision_group.revision_ordinal 
_pdbx_audit_revision_group.data_content_type 
_pdbx_audit_revision_group.group 
1 2 'Structure model' 'Version format compliance' 
2 3 'Structure model' 'Version format compliance' 
3 4 'Structure model' 'Data collection'           
4 4 'Structure model' 'Database references'       
5 4 'Structure model' 'Derived calculations'      
6 4 'Structure model' Other                       
7 5 'Structure model' 'Data collection'           
# 
loop_
_pdbx_audit_revision_category.ordinal 
_pdbx_audit_revision_category.revision_ordinal 
_pdbx_audit_revision_category.data_content_type 
_pdbx_audit_revision_category.category 
1 4 'Structure model' database_2            
2 4 'Structure model' pdbx_database_status  
3 4 'Structure model' pdbx_nmr_software     
4 4 'Structure model' pdbx_struct_assembly  
5 4 'Structure model' pdbx_struct_oper_list 
6 5 'Structure model' chem_comp_atom        
7 5 'Structure model' chem_comp_bond        
# 
loop_
_pdbx_audit_revision_item.ordinal 
_pdbx_audit_revision_item.revision_ordinal 
_pdbx_audit_revision_item.data_content_type 
_pdbx_audit_revision_item.item 
1 4 'Structure model' '_database_2.pdbx_DOI'                
2 4 'Structure model' '_database_2.pdbx_database_accession' 
3 4 'Structure model' '_pdbx_database_status.process_site'  
4 4 'Structure model' '_pdbx_nmr_software.name'             
# 
_pdbx_database_status.status_code                     REL 
_pdbx_database_status.entry_id                        1UQA 
_pdbx_database_status.recvd_initial_deposition_date   1996-06-26 
_pdbx_database_status.deposit_site                    ? 
_pdbx_database_status.process_site                    BNL 
_pdbx_database_status.status_code_sf                  ? 
_pdbx_database_status.status_code_mr                  REL 
_pdbx_database_status.SG_entry                        ? 
_pdbx_database_status.pdb_format_compatible           Y 
_pdbx_database_status.status_code_cs                  ? 
_pdbx_database_status.status_code_nmr_data            ? 
_pdbx_database_status.methods_development_category    ? 
# 
loop_
_pdbx_database_related.db_name 
_pdbx_database_related.db_id 
_pdbx_database_related.details 
_pdbx_database_related.content_type 
PDB 1BUF 'MINIMIZED AVERAGE STRUCTURE' unspecified 
PDB 1UQB 'MINIMIZED AVERAGE STRUCTURE' unspecified 
PDB 1UQC 'MINIMIZED AVERAGE STRUCTURE' unspecified 
PDB 1UQD 'MINIMIZED AVERAGE STRUCTURE' unspecified 
PDB 1UQE 'MINIMIZED AVERAGE STRUCTURE' unspecified 
PDB 1UQF 'MINIMIZED AVERAGE STRUCTURE' unspecified 
PDB 1UQG 'MINIMIZED AVERAGE STRUCTURE' unspecified 
# 
loop_
_audit_author.name 
_audit_author.pdbx_ordinal 
'Lam, S.L.'        1 
'Au-Yeung, S.C.F.' 2 
# 
_citation.id                        primary 
_citation.title                     
;Sequence-specific local structural variations in solution structures of d(CGXX'CG)2 and d(CAXX'TG)2 self-complementary deoxyribonucleic acids.
;
_citation.journal_abbrev            J.Mol.Biol. 
_citation.journal_volume            266 
_citation.page_first                745 
_citation.page_last                 760 
_citation.year                      1997 
_citation.journal_id_ASTM           JMOBAK 
_citation.country                   UK 
_citation.journal_id_ISSN           0022-2836 
_citation.journal_id_CSD            0070 
_citation.book_publisher            ? 
_citation.pdbx_database_id_PubMed   9102467 
_citation.pdbx_database_id_DOI      10.1006/jmbi.1996.0783 
# 
loop_
_citation_author.citation_id 
_citation_author.name 
_citation_author.ordinal 
_citation_author.identifier_ORCID 
primary 'Lam, S.L.'      1 ? 
primary 'Au-Yeung, S.C.' 2 ? 
# 
_entity.id                         1 
_entity.type                       polymer 
_entity.src_method                 syn 
_entity.pdbx_description           
;DNA (5'-D(*CP*AP*TP*AP*TP*G)-3')
;
_entity.formula_weight             1808.229 
_entity.pdbx_number_of_molecules   2 
_entity.pdbx_ec                    ? 
_entity.pdbx_mutation              ? 
_entity.pdbx_fragment              ? 
_entity.details                    'IN 10 MM SODIUM PHOSPHATE BUFFER AT 10 DEG. CELSIUS, 4.4 MM DOUBLE STRANDED CONCENTRATION' 
# 
_entity_poly.entity_id                      1 
_entity_poly.type                           polydeoxyribonucleotide 
_entity_poly.nstd_linkage                   no 
_entity_poly.nstd_monomer                   no 
_entity_poly.pdbx_seq_one_letter_code       '(DC)(DA)(DT)(DA)(DT)(DG)' 
_entity_poly.pdbx_seq_one_letter_code_can   CATATG 
_entity_poly.pdbx_strand_id                 A,B 
_entity_poly.pdbx_target_identifier         ? 
# 
loop_
_entity_poly_seq.entity_id 
_entity_poly_seq.num 
_entity_poly_seq.mon_id 
_entity_poly_seq.hetero 
1 1 DC n 
1 2 DA n 
1 3 DT n 
1 4 DA n 
1 5 DT n 
1 6 DG n 
# 
loop_
_chem_comp.id 
_chem_comp.type 
_chem_comp.mon_nstd_flag 
_chem_comp.name 
_chem_comp.pdbx_synonyms 
_chem_comp.formula 
_chem_comp.formula_weight 
DA 'DNA linking' y "2'-DEOXYADENOSINE-5'-MONOPHOSPHATE" ? 'C10 H14 N5 O6 P' 331.222 
DC 'DNA linking' y "2'-DEOXYCYTIDINE-5'-MONOPHOSPHATE"  ? 'C9 H14 N3 O7 P'  307.197 
DG 'DNA linking' y "2'-DEOXYGUANOSINE-5'-MONOPHOSPHATE" ? 'C10 H14 N5 O7 P' 347.221 
DT 'DNA linking' y "THYMIDINE-5'-MONOPHOSPHATE"         ? 'C10 H15 N2 O8 P' 322.208 
# 
loop_
_pdbx_poly_seq_scheme.asym_id 
_pdbx_poly_seq_scheme.entity_id 
_pdbx_poly_seq_scheme.seq_id 
_pdbx_poly_seq_scheme.mon_id 
_pdbx_poly_seq_scheme.ndb_seq_num 
_pdbx_poly_seq_scheme.pdb_seq_num 
_pdbx_poly_seq_scheme.auth_seq_num 
_pdbx_poly_seq_scheme.pdb_mon_id 
_pdbx_poly_seq_scheme.auth_mon_id 
_pdbx_poly_seq_scheme.pdb_strand_id 
_pdbx_poly_seq_scheme.pdb_ins_code 
_pdbx_poly_seq_scheme.hetero 
A 1 1 DC 1 1  1  DC C A . n 
A 1 2 DA 2 2  2  DA A A . n 
A 1 3 DT 3 3  3  DT T A . n 
A 1 4 DA 4 4  4  DA A A . n 
A 1 5 DT 5 5  5  DT T A . n 
A 1 6 DG 6 6  6  DG G A . n 
B 1 1 DC 1 7  7  DC C B . n 
B 1 2 DA 2 8  8  DA A B . n 
B 1 3 DT 3 9  9  DT T B . n 
B 1 4 DA 4 10 10 DA A B . n 
B 1 5 DT 5 11 11 DT T B . n 
B 1 6 DG 6 12 12 DG G B . n 
# 
_software.name             AMBER 
_software.classification   refinement 
_software.version          . 
_software.citation_id      ? 
_software.pdbx_ordinal     1 
# 
_cell.entry_id           1UQA 
_cell.length_a           1.000 
_cell.length_b           1.000 
_cell.length_c           1.000 
_cell.angle_alpha        90.00 
_cell.angle_beta         90.00 
_cell.angle_gamma        90.00 
_cell.Z_PDB              1 
_cell.pdbx_unique_axis   ? 
# 
_symmetry.entry_id                         1UQA 
_symmetry.space_group_name_H-M             'P 1' 
_symmetry.pdbx_full_space_group_name_H-M   ? 
_symmetry.cell_setting                     ? 
_symmetry.Int_Tables_number                1 
# 
_exptl.entry_id          1UQA 
_exptl.method            'SOLUTION NMR' 
_exptl.crystals_number   ? 
# 
_struct.entry_id                  1UQA 
_struct.title                     
;SELF-COMPLEMENTARY DNA 5'-D(CATATG)2, NMR, MINIMIZED AVERAGE STRUCTURE
;
_struct.pdbx_model_details        ? 
_struct.pdbx_CASP_flag            ? 
_struct.pdbx_model_type_details   ? 
# 
_struct_keywords.entry_id        1UQA 
_struct_keywords.pdbx_keywords   DNA 
_struct_keywords.text            'DEOXYRIBONUCLEIC ACID, DNA' 
# 
loop_
_struct_asym.id 
_struct_asym.pdbx_blank_PDB_chainid_flag 
_struct_asym.pdbx_modified 
_struct_asym.entity_id 
_struct_asym.details 
A N N 1 ? 
B N N 1 ? 
# 
_struct_ref.id                         1 
_struct_ref.entity_id                  1 
_struct_ref.db_name                    PDB 
_struct_ref.db_code                    1UQA 
_struct_ref.pdbx_db_accession          1UQA 
_struct_ref.pdbx_db_isoform            ? 
_struct_ref.pdbx_seq_one_letter_code   ? 
_struct_ref.pdbx_align_begin           ? 
# 
loop_
_struct_ref_seq.align_id 
_struct_ref_seq.ref_id 
_struct_ref_seq.pdbx_PDB_id_code 
_struct_ref_seq.pdbx_strand_id 
_struct_ref_seq.seq_align_beg 
_struct_ref_seq.pdbx_seq_align_beg_ins_code 
_struct_ref_seq.seq_align_end 
_struct_ref_seq.pdbx_seq_align_end_ins_code 
_struct_ref_seq.pdbx_db_accession 
_struct_ref_seq.db_align_beg 
_struct_ref_seq.pdbx_db_align_beg_ins_code 
_struct_ref_seq.db_align_end 
_struct_ref_seq.pdbx_db_align_end_ins_code 
_struct_ref_seq.pdbx_auth_seq_align_beg 
_struct_ref_seq.pdbx_auth_seq_align_end 
1 1 1UQA A 1 ? 6 ? 1UQA 1 ? 6  ? 1 6  
2 1 1UQA B 1 ? 6 ? 1UQA 7 ? 12 ? 7 12 
# 
_pdbx_struct_assembly.id                   1 
_pdbx_struct_assembly.details              author_defined_assembly 
_pdbx_struct_assembly.method_details       ? 
_pdbx_struct_assembly.oligomeric_details   dimeric 
_pdbx_struct_assembly.oligomeric_count     2 
# 
_pdbx_struct_assembly_gen.assembly_id       1 
_pdbx_struct_assembly_gen.oper_expression   1 
_pdbx_struct_assembly_gen.asym_id_list      A,B 
# 
_pdbx_struct_oper_list.id                   1 
_pdbx_struct_oper_list.type                 'identity operation' 
_pdbx_struct_oper_list.name                 1_555 
_pdbx_struct_oper_list.symmetry_operation   x,y,z 
_pdbx_struct_oper_list.matrix[1][1]         1.0000000000 
_pdbx_struct_oper_list.matrix[1][2]         0.0000000000 
_pdbx_struct_oper_list.matrix[1][3]         0.0000000000 
_pdbx_struct_oper_list.vector[1]            0.0000000000 
_pdbx_struct_oper_list.matrix[2][1]         0.0000000000 
_pdbx_struct_oper_list.matrix[2][2]         1.0000000000 
_pdbx_struct_oper_list.matrix[2][3]         0.0000000000 
_pdbx_struct_oper_list.vector[2]            0.0000000000 
_pdbx_struct_oper_list.matrix[3][1]         0.0000000000 
_pdbx_struct_oper_list.matrix[3][2]         0.0000000000 
_pdbx_struct_oper_list.matrix[3][3]         1.0000000000 
_pdbx_struct_oper_list.vector[3]            0.0000000000 
# 
_struct_biol.id   1 
# 
loop_
_struct_conn.id 
_struct_conn.conn_type_id 
_struct_conn.pdbx_leaving_atom_flag 
_struct_conn.pdbx_PDB_id 
_struct_conn.ptnr1_label_asym_id 
_struct_conn.ptnr1_label_comp_id 
_struct_conn.ptnr1_label_seq_id 
_struct_conn.ptnr1_label_atom_id 
_struct_conn.pdbx_ptnr1_label_alt_id 
_struct_conn.pdbx_ptnr1_PDB_ins_code 
_struct_conn.pdbx_ptnr1_standard_comp_id 
_struct_conn.ptnr1_symmetry 
_struct_conn.ptnr2_label_asym_id 
_struct_conn.ptnr2_label_comp_id 
_struct_conn.ptnr2_label_seq_id 
_struct_conn.ptnr2_label_atom_id 
_struct_conn.pdbx_ptnr2_label_alt_id 
_struct_conn.pdbx_ptnr2_PDB_ins_code 
_struct_conn.ptnr1_auth_asym_id 
_struct_conn.ptnr1_auth_comp_id 
_struct_conn.ptnr1_auth_seq_id 
_struct_conn.ptnr2_auth_asym_id 
_struct_conn.ptnr2_auth_comp_id 
_struct_conn.ptnr2_auth_seq_id 
_struct_conn.ptnr2_symmetry 
_struct_conn.pdbx_ptnr3_label_atom_id 
_struct_conn.pdbx_ptnr3_label_seq_id 
_struct_conn.pdbx_ptnr3_label_comp_id 
_struct_conn.pdbx_ptnr3_label_asym_id 
_struct_conn.pdbx_ptnr3_label_alt_id 
_struct_conn.pdbx_ptnr3_PDB_ins_code 
_struct_conn.details 
_struct_conn.pdbx_dist_value 
_struct_conn.pdbx_value_order 
_struct_conn.pdbx_role 
hydrog1  hydrog ? ? A DC 1 N3 ? ? ? 1_555 B DG 6 N1 ? ? A DC 1 B DG 12 1_555 ? ? ? ? ? ? WATSON-CRICK ? ? ? 
hydrog2  hydrog ? ? A DC 1 N4 ? ? ? 1_555 B DG 6 O6 ? ? A DC 1 B DG 12 1_555 ? ? ? ? ? ? WATSON-CRICK ? ? ? 
hydrog3  hydrog ? ? A DC 1 O2 ? ? ? 1_555 B DG 6 N2 ? ? A DC 1 B DG 12 1_555 ? ? ? ? ? ? WATSON-CRICK ? ? ? 
hydrog4  hydrog ? ? A DA 2 N1 ? ? ? 1_555 B DT 5 N3 ? ? A DA 2 B DT 11 1_555 ? ? ? ? ? ? WATSON-CRICK ? ? ? 
hydrog5  hydrog ? ? A DA 2 N6 ? ? ? 1_555 B DT 5 O4 ? ? A DA 2 B DT 11 1_555 ? ? ? ? ? ? WATSON-CRICK ? ? ? 
hydrog6  hydrog ? ? A DT 3 N3 ? ? ? 1_555 B DA 4 N1 ? ? A DT 3 B DA 10 1_555 ? ? ? ? ? ? WATSON-CRICK ? ? ? 
hydrog7  hydrog ? ? A DT 3 O4 ? ? ? 1_555 B DA 4 N6 ? ? A DT 3 B DA 10 1_555 ? ? ? ? ? ? WATSON-CRICK ? ? ? 
hydrog8  hydrog ? ? A DA 4 N1 ? ? ? 1_555 B DT 3 N3 ? ? A DA 4 B DT 9  1_555 ? ? ? ? ? ? WATSON-CRICK ? ? ? 
hydrog9  hydrog ? ? A DA 4 N6 ? ? ? 1_555 B DT 3 O4 ? ? A DA 4 B DT 9  1_555 ? ? ? ? ? ? WATSON-CRICK ? ? ? 
hydrog10 hydrog ? ? A DT 5 N3 ? ? ? 1_555 B DA 2 N1 ? ? A DT 5 B DA 8  1_555 ? ? ? ? ? ? WATSON-CRICK ? ? ? 
hydrog11 hydrog ? ? A DT 5 O4 ? ? ? 1_555 B DA 2 N6 ? ? A DT 5 B DA 8  1_555 ? ? ? ? ? ? WATSON-CRICK ? ? ? 
hydrog12 hydrog ? ? A DG 6 N1 ? ? ? 1_555 B DC 1 N3 ? ? A DG 6 B DC 7  1_555 ? ? ? ? ? ? WATSON-CRICK ? ? ? 
hydrog13 hydrog ? ? A DG 6 N2 ? ? ? 1_555 B DC 1 O2 ? ? A DG 6 B DC 7  1_555 ? ? ? ? ? ? WATSON-CRICK ? ? ? 
hydrog14 hydrog ? ? A DG 6 O6 ? ? ? 1_555 B DC 1 N4 ? ? A DG 6 B DC 7  1_555 ? ? ? ? ? ? WATSON-CRICK ? ? ? 
# 
_struct_conn_type.id          hydrog 
_struct_conn_type.criteria    ? 
_struct_conn_type.reference   ? 
# 
loop_
_pdbx_validate_rmsd_angle.id 
_pdbx_validate_rmsd_angle.PDB_model_num 
_pdbx_validate_rmsd_angle.auth_atom_id_1 
_pdbx_validate_rmsd_angle.auth_asym_id_1 
_pdbx_validate_rmsd_angle.auth_comp_id_1 
_pdbx_validate_rmsd_angle.auth_seq_id_1 
_pdbx_validate_rmsd_angle.PDB_ins_code_1 
_pdbx_validate_rmsd_angle.label_alt_id_1 
_pdbx_validate_rmsd_angle.auth_atom_id_2 
_pdbx_validate_rmsd_angle.auth_asym_id_2 
_pdbx_validate_rmsd_angle.auth_comp_id_2 
_pdbx_validate_rmsd_angle.auth_seq_id_2 
_pdbx_validate_rmsd_angle.PDB_ins_code_2 
_pdbx_validate_rmsd_angle.label_alt_id_2 
_pdbx_validate_rmsd_angle.auth_atom_id_3 
_pdbx_validate_rmsd_angle.auth_asym_id_3 
_pdbx_validate_rmsd_angle.auth_comp_id_3 
_pdbx_validate_rmsd_angle.auth_seq_id_3 
_pdbx_validate_rmsd_angle.PDB_ins_code_3 
_pdbx_validate_rmsd_angle.label_alt_id_3 
_pdbx_validate_rmsd_angle.angle_value 
_pdbx_validate_rmsd_angle.angle_target_value 
_pdbx_validate_rmsd_angle.angle_deviation 
_pdbx_validate_rmsd_angle.angle_standard_deviation 
_pdbx_validate_rmsd_angle.linker_flag 
1  1 "O4'" A DC 1  ? ? "C4'" A DC 1  ? ? "C3'" A DC 1  ? ? 110.24 106.00 4.24  0.60 N 
2  1 "O4'" A DC 1  ? ? "C1'" A DC 1  ? ? N1    A DC 1  ? ? 112.28 108.30 3.98  0.30 N 
3  1 "C3'" A DT 3  ? ? "C2'" A DT 3  ? ? "C1'" A DT 3  ? ? 96.70  102.40 -5.70 0.80 N 
4  1 "O4'" A DT 3  ? ? "C1'" A DT 3  ? ? "C2'" A DT 3  ? ? 110.55 106.80 3.75  0.50 N 
5  1 "O4'" A DT 3  ? ? "C1'" A DT 3  ? ? N1    A DT 3  ? ? 111.81 108.30 3.51  0.30 N 
6  1 "O4'" A DT 5  ? ? "C4'" A DT 5  ? ? "C3'" A DT 5  ? ? 114.74 106.00 8.74  0.60 N 
7  1 "C5'" A DT 5  ? ? "C4'" A DT 5  ? ? "O4'" A DT 5  ? ? 116.59 109.80 6.79  1.10 N 
8  1 "C4'" A DT 5  ? ? "C3'" A DT 5  ? ? "C2'" A DT 5  ? ? 97.42  102.20 -4.78 0.70 N 
9  1 "O4'" A DG 6  ? ? "C4'" A DG 6  ? ? "C3'" A DG 6  ? ? 111.58 106.00 5.58  0.60 N 
10 1 "O4'" B DC 7  ? ? "C4'" B DC 7  ? ? "C3'" B DC 7  ? ? 110.27 106.00 4.27  0.60 N 
11 1 "O4'" B DC 7  ? ? "C1'" B DC 7  ? ? N1    B DC 7  ? ? 112.29 108.30 3.99  0.30 N 
12 1 "C3'" B DT 9  ? ? "C2'" B DT 9  ? ? "C1'" B DT 9  ? ? 96.73  102.40 -5.67 0.80 N 
13 1 "O4'" B DT 9  ? ? "C1'" B DT 9  ? ? "C2'" B DT 9  ? ? 110.52 106.80 3.72  0.50 N 
14 1 "O4'" B DT 9  ? ? "C1'" B DT 9  ? ? N1    B DT 9  ? ? 111.77 108.30 3.47  0.30 N 
15 1 "O4'" B DT 11 ? ? "C4'" B DT 11 ? ? "C3'" B DT 11 ? ? 114.78 106.00 8.78  0.60 N 
16 1 "C5'" B DT 11 ? ? "C4'" B DT 11 ? ? "O4'" B DT 11 ? ? 116.49 109.80 6.69  1.10 N 
17 1 "C4'" B DT 11 ? ? "C3'" B DT 11 ? ? "C2'" B DT 11 ? ? 97.42  102.20 -4.78 0.70 N 
18 1 "O4'" B DG 12 ? ? "C4'" B DG 12 ? ? "C3'" B DG 12 ? ? 111.51 106.00 5.51  0.60 N 
# 
loop_
_pdbx_validate_planes.id 
_pdbx_validate_planes.PDB_model_num 
_pdbx_validate_planes.auth_comp_id 
_pdbx_validate_planes.auth_asym_id 
_pdbx_validate_planes.auth_seq_id 
_pdbx_validate_planes.PDB_ins_code 
_pdbx_validate_planes.label_alt_id 
_pdbx_validate_planes.rmsd 
_pdbx_validate_planes.type 
1  1 DA A 2  ? ? 0.119 'SIDE CHAIN' 
2  1 DT A 3  ? ? 0.078 'SIDE CHAIN' 
3  1 DA A 4  ? ? 0.108 'SIDE CHAIN' 
4  1 DT A 5  ? ? 0.078 'SIDE CHAIN' 
5  1 DG A 6  ? ? 0.098 'SIDE CHAIN' 
6  1 DA B 8  ? ? 0.119 'SIDE CHAIN' 
7  1 DT B 9  ? ? 0.078 'SIDE CHAIN' 
8  1 DA B 10 ? ? 0.108 'SIDE CHAIN' 
9  1 DT B 11 ? ? 0.078 'SIDE CHAIN' 
10 1 DG B 12 ? ? 0.098 'SIDE CHAIN' 
# 
_pdbx_nmr_ensemble.entry_id                             1UQA 
_pdbx_nmr_ensemble.conformers_calculated_total_number   ? 
_pdbx_nmr_ensemble.conformers_submitted_total_number    1 
_pdbx_nmr_ensemble.conformer_selection_criteria         ? 
# 
_pdbx_nmr_exptl_sample_conditions.conditions_id       1 
_pdbx_nmr_exptl_sample_conditions.temperature         283 
_pdbx_nmr_exptl_sample_conditions.pressure            ? 
_pdbx_nmr_exptl_sample_conditions.pH                  ? 
_pdbx_nmr_exptl_sample_conditions.ionic_strength      ? 
_pdbx_nmr_exptl_sample_conditions.pressure_units      . 
_pdbx_nmr_exptl_sample_conditions.temperature_units   K 
# 
_pdbx_nmr_details.entry_id   1UQA 
_pdbx_nmr_details.text       'IN 10 MM SODIUM PHOSPHATE BUFFER AT 10 DEGREES CELSIUS, 4.4 MM DOUBLE STRANDED CONCENTRATION' 
# 
_pdbx_nmr_software.classification   refinement 
_pdbx_nmr_software.name             Amber 
_pdbx_nmr_software.version          4.0 
_pdbx_nmr_software.authors          'PEARLMAN,CASE,CALDWELL,SEIBEL,SINGH,WEINER, KOLLMAN' 
_pdbx_nmr_software.ordinal          1 
# 
loop_
_chem_comp_atom.comp_id 
_chem_comp_atom.atom_id 
_chem_comp_atom.type_symbol 
_chem_comp_atom.pdbx_aromatic_flag 
_chem_comp_atom.pdbx_stereo_config 
_chem_comp_atom.pdbx_ordinal 
DA OP3    O N N 1   
DA P      P N N 2   
DA OP1    O N N 3   
DA OP2    O N N 4   
DA "O5'"  O N N 5   
DA "C5'"  C N N 6   
DA "C4'"  C N R 7   
DA "O4'"  O N N 8   
DA "C3'"  C N S 9   
DA "O3'"  O N N 10  
DA "C2'"  C N N 11  
DA "C1'"  C N R 12  
DA N9     N Y N 13  
DA C8     C Y N 14  
DA N7     N Y N 15  
DA C5     C Y N 16  
DA C6     C Y N 17  
DA N6     N N N 18  
DA N1     N Y N 19  
DA C2     C Y N 20  
DA N3     N Y N 21  
DA C4     C Y N 22  
DA HOP3   H N N 23  
DA HOP2   H N N 24  
DA "H5'"  H N N 25  
DA "H5''" H N N 26  
DA "H4'"  H N N 27  
DA "H3'"  H N N 28  
DA "HO3'" H N N 29  
DA "H2'"  H N N 30  
DA "H2''" H N N 31  
DA "H1'"  H N N 32  
DA H8     H N N 33  
DA H61    H N N 34  
DA H62    H N N 35  
DA H2     H N N 36  
DC OP3    O N N 37  
DC P      P N N 38  
DC OP1    O N N 39  
DC OP2    O N N 40  
DC "O5'"  O N N 41  
DC "C5'"  C N N 42  
DC "C4'"  C N R 43  
DC "O4'"  O N N 44  
DC "C3'"  C N S 45  
DC "O3'"  O N N 46  
DC "C2'"  C N N 47  
DC "C1'"  C N R 48  
DC N1     N N N 49  
DC C2     C N N 50  
DC O2     O N N 51  
DC N3     N N N 52  
DC C4     C N N 53  
DC N4     N N N 54  
DC C5     C N N 55  
DC C6     C N N 56  
DC HOP3   H N N 57  
DC HOP2   H N N 58  
DC "H5'"  H N N 59  
DC "H5''" H N N 60  
DC "H4'"  H N N 61  
DC "H3'"  H N N 62  
DC "HO3'" H N N 63  
DC "H2'"  H N N 64  
DC "H2''" H N N 65  
DC "H1'"  H N N 66  
DC H41    H N N 67  
DC H42    H N N 68  
DC H5     H N N 69  
DC H6     H N N 70  
DG OP3    O N N 71  
DG P      P N N 72  
DG OP1    O N N 73  
DG OP2    O N N 74  
DG "O5'"  O N N 75  
DG "C5'"  C N N 76  
DG "C4'"  C N R 77  
DG "O4'"  O N N 78  
DG "C3'"  C N S 79  
DG "O3'"  O N N 80  
DG "C2'"  C N N 81  
DG "C1'"  C N R 82  
DG N9     N Y N 83  
DG C8     C Y N 84  
DG N7     N Y N 85  
DG C5     C Y N 86  
DG C6     C N N 87  
DG O6     O N N 88  
DG N1     N N N 89  
DG C2     C N N 90  
DG N2     N N N 91  
DG N3     N N N 92  
DG C4     C Y N 93  
DG HOP3   H N N 94  
DG HOP2   H N N 95  
DG "H5'"  H N N 96  
DG "H5''" H N N 97  
DG "H4'"  H N N 98  
DG "H3'"  H N N 99  
DG "HO3'" H N N 100 
DG "H2'"  H N N 101 
DG "H2''" H N N 102 
DG "H1'"  H N N 103 
DG H8     H N N 104 
DG H1     H N N 105 
DG H21    H N N 106 
DG H22    H N N 107 
DT OP3    O N N 108 
DT P      P N N 109 
DT OP1    O N N 110 
DT OP2    O N N 111 
DT "O5'"  O N N 112 
DT "C5'"  C N N 113 
DT "C4'"  C N R 114 
DT "O4'"  O N N 115 
DT "C3'"  C N S 116 
DT "O3'"  O N N 117 
DT "C2'"  C N N 118 
DT "C1'"  C N R 119 
DT N1     N N N 120 
DT C2     C N N 121 
DT O2     O N N 122 
DT N3     N N N 123 
DT C4     C N N 124 
DT O4     O N N 125 
DT C5     C N N 126 
DT C7     C N N 127 
DT C6     C N N 128 
DT HOP3   H N N 129 
DT HOP2   H N N 130 
DT "H5'"  H N N 131 
DT "H5''" H N N 132 
DT "H4'"  H N N 133 
DT "H3'"  H N N 134 
DT "HO3'" H N N 135 
DT "H2'"  H N N 136 
DT "H2''" H N N 137 
DT "H1'"  H N N 138 
DT H3     H N N 139 
DT H71    H N N 140 
DT H72    H N N 141 
DT H73    H N N 142 
DT H6     H N N 143 
# 
loop_
_chem_comp_bond.comp_id 
_chem_comp_bond.atom_id_1 
_chem_comp_bond.atom_id_2 
_chem_comp_bond.value_order 
_chem_comp_bond.pdbx_aromatic_flag 
_chem_comp_bond.pdbx_stereo_config 
_chem_comp_bond.pdbx_ordinal 
DA OP3   P      sing N N 1   
DA OP3   HOP3   sing N N 2   
DA P     OP1    doub N N 3   
DA P     OP2    sing N N 4   
DA P     "O5'"  sing N N 5   
DA OP2   HOP2   sing N N 6   
DA "O5'" "C5'"  sing N N 7   
DA "C5'" "C4'"  sing N N 8   
DA "C5'" "H5'"  sing N N 9   
DA "C5'" "H5''" sing N N 10  
DA "C4'" "O4'"  sing N N 11  
DA "C4'" "C3'"  sing N N 12  
DA "C4'" "H4'"  sing N N 13  
DA "O4'" "C1'"  sing N N 14  
DA "C3'" "O3'"  sing N N 15  
DA "C3'" "C2'"  sing N N 16  
DA "C3'" "H3'"  sing N N 17  
DA "O3'" "HO3'" sing N N 18  
DA "C2'" "C1'"  sing N N 19  
DA "C2'" "H2'"  sing N N 20  
DA "C2'" "H2''" sing N N 21  
DA "C1'" N9     sing N N 22  
DA "C1'" "H1'"  sing N N 23  
DA N9    C8     sing Y N 24  
DA N9    C4     sing Y N 25  
DA C8    N7     doub Y N 26  
DA C8    H8     sing N N 27  
DA N7    C5     sing Y N 28  
DA C5    C6     sing Y N 29  
DA C5    C4     doub Y N 30  
DA C6    N6     sing N N 31  
DA C6    N1     doub Y N 32  
DA N6    H61    sing N N 33  
DA N6    H62    sing N N 34  
DA N1    C2     sing Y N 35  
DA C2    N3     doub Y N 36  
DA C2    H2     sing N N 37  
DA N3    C4     sing Y N 38  
DC OP3   P      sing N N 39  
DC OP3   HOP3   sing N N 40  
DC P     OP1    doub N N 41  
DC P     OP2    sing N N 42  
DC P     "O5'"  sing N N 43  
DC OP2   HOP2   sing N N 44  
DC "O5'" "C5'"  sing N N 45  
DC "C5'" "C4'"  sing N N 46  
DC "C5'" "H5'"  sing N N 47  
DC "C5'" "H5''" sing N N 48  
DC "C4'" "O4'"  sing N N 49  
DC "C4'" "C3'"  sing N N 50  
DC "C4'" "H4'"  sing N N 51  
DC "O4'" "C1'"  sing N N 52  
DC "C3'" "O3'"  sing N N 53  
DC "C3'" "C2'"  sing N N 54  
DC "C3'" "H3'"  sing N N 55  
DC "O3'" "HO3'" sing N N 56  
DC "C2'" "C1'"  sing N N 57  
DC "C2'" "H2'"  sing N N 58  
DC "C2'" "H2''" sing N N 59  
DC "C1'" N1     sing N N 60  
DC "C1'" "H1'"  sing N N 61  
DC N1    C2     sing N N 62  
DC N1    C6     sing N N 63  
DC C2    O2     doub N N 64  
DC C2    N3     sing N N 65  
DC N3    C4     doub N N 66  
DC C4    N4     sing N N 67  
DC C4    C5     sing N N 68  
DC N4    H41    sing N N 69  
DC N4    H42    sing N N 70  
DC C5    C6     doub N N 71  
DC C5    H5     sing N N 72  
DC C6    H6     sing N N 73  
DG OP3   P      sing N N 74  
DG OP3   HOP3   sing N N 75  
DG P     OP1    doub N N 76  
DG P     OP2    sing N N 77  
DG P     "O5'"  sing N N 78  
DG OP2   HOP2   sing N N 79  
DG "O5'" "C5'"  sing N N 80  
DG "C5'" "C4'"  sing N N 81  
DG "C5'" "H5'"  sing N N 82  
DG "C5'" "H5''" sing N N 83  
DG "C4'" "O4'"  sing N N 84  
DG "C4'" "C3'"  sing N N 85  
DG "C4'" "H4'"  sing N N 86  
DG "O4'" "C1'"  sing N N 87  
DG "C3'" "O3'"  sing N N 88  
DG "C3'" "C2'"  sing N N 89  
DG "C3'" "H3'"  sing N N 90  
DG "O3'" "HO3'" sing N N 91  
DG "C2'" "C1'"  sing N N 92  
DG "C2'" "H2'"  sing N N 93  
DG "C2'" "H2''" sing N N 94  
DG "C1'" N9     sing N N 95  
DG "C1'" "H1'"  sing N N 96  
DG N9    C8     sing Y N 97  
DG N9    C4     sing Y N 98  
DG C8    N7     doub Y N 99  
DG C8    H8     sing N N 100 
DG N7    C5     sing Y N 101 
DG C5    C6     sing N N 102 
DG C5    C4     doub Y N 103 
DG C6    O6     doub N N 104 
DG C6    N1     sing N N 105 
DG N1    C2     sing N N 106 
DG N1    H1     sing N N 107 
DG C2    N2     sing N N 108 
DG C2    N3     doub N N 109 
DG N2    H21    sing N N 110 
DG N2    H22    sing N N 111 
DG N3    C4     sing N N 112 
DT OP3   P      sing N N 113 
DT OP3   HOP3   sing N N 114 
DT P     OP1    doub N N 115 
DT P     OP2    sing N N 116 
DT P     "O5'"  sing N N 117 
DT OP2   HOP2   sing N N 118 
DT "O5'" "C5'"  sing N N 119 
DT "C5'" "C4'"  sing N N 120 
DT "C5'" "H5'"  sing N N 121 
DT "C5'" "H5''" sing N N 122 
DT "C4'" "O4'"  sing N N 123 
DT "C4'" "C3'"  sing N N 124 
DT "C4'" "H4'"  sing N N 125 
DT "O4'" "C1'"  sing N N 126 
DT "C3'" "O3'"  sing N N 127 
DT "C3'" "C2'"  sing N N 128 
DT "C3'" "H3'"  sing N N 129 
DT "O3'" "HO3'" sing N N 130 
DT "C2'" "C1'"  sing N N 131 
DT "C2'" "H2'"  sing N N 132 
DT "C2'" "H2''" sing N N 133 
DT "C1'" N1     sing N N 134 
DT "C1'" "H1'"  sing N N 135 
DT N1    C2     sing N N 136 
DT N1    C6     sing N N 137 
DT C2    O2     doub N N 138 
DT C2    N3     sing N N 139 
DT N3    C4     sing N N 140 
DT N3    H3     sing N N 141 
DT C4    O4     doub N N 142 
DT C4    C5     sing N N 143 
DT C5    C7     sing N N 144 
DT C5    C6     doub N N 145 
DT C7    H71    sing N N 146 
DT C7    H72    sing N N 147 
DT C7    H73    sing N N 148 
DT C6    H6     sing N N 149 
# 
loop_
_ndb_struct_conf_na.entry_id 
_ndb_struct_conf_na.feature 
1UQA 'double helix'        
1UQA 'b-form double helix' 
# 
loop_
_ndb_struct_na_base_pair.model_number 
_ndb_struct_na_base_pair.i_label_asym_id 
_ndb_struct_na_base_pair.i_label_comp_id 
_ndb_struct_na_base_pair.i_label_seq_id 
_ndb_struct_na_base_pair.i_symmetry 
_ndb_struct_na_base_pair.j_label_asym_id 
_ndb_struct_na_base_pair.j_label_comp_id 
_ndb_struct_na_base_pair.j_label_seq_id 
_ndb_struct_na_base_pair.j_symmetry 
_ndb_struct_na_base_pair.shear 
_ndb_struct_na_base_pair.stretch 
_ndb_struct_na_base_pair.stagger 
_ndb_struct_na_base_pair.buckle 
_ndb_struct_na_base_pair.propeller 
_ndb_struct_na_base_pair.opening 
_ndb_struct_na_base_pair.pair_number 
_ndb_struct_na_base_pair.pair_name 
_ndb_struct_na_base_pair.i_auth_asym_id 
_ndb_struct_na_base_pair.i_auth_seq_id 
_ndb_struct_na_base_pair.i_PDB_ins_code 
_ndb_struct_na_base_pair.j_auth_asym_id 
_ndb_struct_na_base_pair.j_auth_seq_id 
_ndb_struct_na_base_pair.j_PDB_ins_code 
_ndb_struct_na_base_pair.hbond_type_28 
_ndb_struct_na_base_pair.hbond_type_12 
1 A DC 1 1_555 B DG 6 1_555 0.376  -0.222 -0.092 0.545  -21.815 0.553  1 A_DC1:DG12_B A 1 ? B 12 ? 19 1 
1 A DA 2 1_555 B DT 5 1_555 -0.303 -0.216 0.071  9.838  -19.860 -0.962 2 A_DA2:DT11_B A 2 ? B 11 ? 20 1 
1 A DT 3 1_555 B DA 4 1_555 0.430  -0.244 0.166  -2.559 -17.868 -1.760 3 A_DT3:DA10_B A 3 ? B 10 ? 20 1 
1 A DA 4 1_555 B DT 3 1_555 -0.430 -0.244 0.165  2.567  -17.870 -1.758 4 A_DA4:DT9_B  A 4 ? B 9  ? 20 1 
1 A DT 5 1_555 B DA 2 1_555 0.304  -0.216 0.070  -9.837 -19.854 -0.959 5 A_DT5:DA8_B  A 5 ? B 8  ? 20 1 
1 A DG 6 1_555 B DC 1 1_555 -0.376 -0.222 -0.092 -0.549 -21.817 0.557  6 A_DG6:DC7_B  A 6 ? B 7  ? 19 1 
# 
loop_
_ndb_struct_na_base_pair_step.model_number 
_ndb_struct_na_base_pair_step.i_label_asym_id_1 
_ndb_struct_na_base_pair_step.i_label_comp_id_1 
_ndb_struct_na_base_pair_step.i_label_seq_id_1 
_ndb_struct_na_base_pair_step.i_symmetry_1 
_ndb_struct_na_base_pair_step.j_label_asym_id_1 
_ndb_struct_na_base_pair_step.j_label_comp_id_1 
_ndb_struct_na_base_pair_step.j_label_seq_id_1 
_ndb_struct_na_base_pair_step.j_symmetry_1 
_ndb_struct_na_base_pair_step.i_label_asym_id_2 
_ndb_struct_na_base_pair_step.i_label_comp_id_2 
_ndb_struct_na_base_pair_step.i_label_seq_id_2 
_ndb_struct_na_base_pair_step.i_symmetry_2 
_ndb_struct_na_base_pair_step.j_label_asym_id_2 
_ndb_struct_na_base_pair_step.j_label_comp_id_2 
_ndb_struct_na_base_pair_step.j_label_seq_id_2 
_ndb_struct_na_base_pair_step.j_symmetry_2 
_ndb_struct_na_base_pair_step.shift 
_ndb_struct_na_base_pair_step.slide 
_ndb_struct_na_base_pair_step.rise 
_ndb_struct_na_base_pair_step.tilt 
_ndb_struct_na_base_pair_step.roll 
_ndb_struct_na_base_pair_step.twist 
_ndb_struct_na_base_pair_step.x_displacement 
_ndb_struct_na_base_pair_step.y_displacement 
_ndb_struct_na_base_pair_step.helical_rise 
_ndb_struct_na_base_pair_step.inclination 
_ndb_struct_na_base_pair_step.tip 
_ndb_struct_na_base_pair_step.helical_twist 
_ndb_struct_na_base_pair_step.step_number 
_ndb_struct_na_base_pair_step.step_name 
_ndb_struct_na_base_pair_step.i_auth_asym_id_1 
_ndb_struct_na_base_pair_step.i_auth_seq_id_1 
_ndb_struct_na_base_pair_step.i_PDB_ins_code_1 
_ndb_struct_na_base_pair_step.j_auth_asym_id_1 
_ndb_struct_na_base_pair_step.j_auth_seq_id_1 
_ndb_struct_na_base_pair_step.j_PDB_ins_code_1 
_ndb_struct_na_base_pair_step.i_auth_asym_id_2 
_ndb_struct_na_base_pair_step.i_auth_seq_id_2 
_ndb_struct_na_base_pair_step.i_PDB_ins_code_2 
_ndb_struct_na_base_pair_step.j_auth_asym_id_2 
_ndb_struct_na_base_pair_step.j_auth_seq_id_2 
_ndb_struct_na_base_pair_step.j_PDB_ins_code_2 
1 A DC 1 1_555 B DG 6 1_555 A DA 2 1_555 B DT 5 1_555 -0.955 0.292  3.327 -5.345 7.929 44.255 -0.358 0.744  3.415 10.381 6.998  
45.225 1 AA_DC1DA2:DT11DG12_BB A 1 ? B 12 ? A 2 ? B 11 ? 
1 A DA 2 1_555 B DT 5 1_555 A DT 3 1_555 B DA 4 1_555 -0.065 -0.018 3.474 -2.557 1.556 30.013 -0.372 -0.429 3.462 2.996  4.923  
30.159 2 AA_DA2DT3:DA10DT11_BB A 2 ? B 11 ? A 3 ? B 10 ? 
1 A DT 3 1_555 B DA 4 1_555 A DA 4 1_555 B DT 3 1_555 0.001  0.110  3.260 0.000  4.810 46.455 -0.262 -0.001 3.255 6.079  0.000  
46.690 3 AA_DT3DA4:DT9DA10_BB  A 3 ? B 10 ? A 4 ? B 9  ? 
1 A DA 4 1_555 B DT 3 1_555 A DT 5 1_555 B DA 2 1_555 0.064  -0.018 3.474 2.557  1.553 30.025 -0.370 0.430  3.462 2.988  -4.921 
30.170 4 AA_DA4DT5:DA8DT9_BB   A 4 ? B 9  ? A 5 ? B 8  ? 
1 A DT 5 1_555 B DA 2 1_555 A DG 6 1_555 B DC 1 1_555 0.954  0.291  3.327 5.334  7.933 44.247 -0.360 -0.744 3.415 10.388 -6.985 
45.217 5 AA_DT5DG6:DC7DA8_BB   A 5 ? B 8  ? A 6 ? B 7  ? 
# 
_atom_sites.entry_id                    1UQA 
_atom_sites.fract_transf_matrix[1][1]   1.000000 
_atom_sites.fract_transf_matrix[1][2]   0.000000 
_atom_sites.fract_transf_matrix[1][3]   0.000000 
_atom_sites.fract_transf_matrix[2][1]   0.000000 
_atom_sites.fract_transf_matrix[2][2]   1.000000 
_atom_sites.fract_transf_matrix[2][3]   0.000000 
_atom_sites.fract_transf_matrix[3][1]   0.000000 
_atom_sites.fract_transf_matrix[3][2]   0.000000 
_atom_sites.fract_transf_matrix[3][3]   1.000000 
_atom_sites.fract_transf_vector[1]      0.00000 
_atom_sites.fract_transf_vector[2]      0.00000 
_atom_sites.fract_transf_vector[3]      0.00000 
# 
loop_
_atom_type.symbol 
C 
H 
N 
O 
P 
# 
loop_
_atom_site.group_PDB 
_atom_site.id 
_atom_site.type_symbol 
_atom_site.label_atom_id 
_atom_site.label_alt_id 
_atom_site.label_comp_id 
_atom_site.label_asym_id 
_atom_site.label_entity_id 
_atom_site.label_seq_id 
_atom_site.pdbx_PDB_ins_code 
_atom_site.Cartn_x 
_atom_site.Cartn_y 
_atom_site.Cartn_z 
_atom_site.occupancy 
_atom_site.B_iso_or_equiv 
_atom_site.pdbx_formal_charge 
_atom_site.auth_seq_id 
_atom_site.auth_comp_id 
_atom_site.auth_asym_id 
_atom_site.auth_atom_id 
_atom_site.pdbx_PDB_model_num 
ATOM 1   O "O5'"  . DC A 1 1 ? -6.970  8.326   -0.917 1.00 0.00 ? 1  DC A "O5'"  1 
ATOM 2   C "C5'"  . DC A 1 1 ? -7.998  8.676   -0.015 1.00 0.00 ? 1  DC A "C5'"  1 
ATOM 3   C "C4'"  . DC A 1 1 ? -8.455  7.465   0.808  1.00 0.00 ? 1  DC A "C4'"  1 
ATOM 4   O "O4'"  . DC A 1 1 ? -9.063  6.508   -0.040 1.00 0.00 ? 1  DC A "O4'"  1 
ATOM 5   C "C3'"  . DC A 1 1 ? -7.324  6.811   1.625  1.00 0.00 ? 1  DC A "C3'"  1 
ATOM 6   O "O3'"  . DC A 1 1 ? -7.802  6.504   2.925  1.00 0.00 ? 1  DC A "O3'"  1 
ATOM 7   C "C2'"  . DC A 1 1 ? -7.095  5.521   0.777  1.00 0.00 ? 1  DC A "C2'"  1 
ATOM 8   C "C1'"  . DC A 1 1 ? -8.488  5.251   0.227  1.00 0.00 ? 1  DC A "C1'"  1 
ATOM 9   N N1     . DC A 1 1 ? -8.322  4.436   -1.000 1.00 0.00 ? 1  DC A N1     1 
ATOM 10  C C2     . DC A 1 1 ? -8.480  3.057   -0.913 1.00 0.00 ? 1  DC A C2     1 
ATOM 11  O O2     . DC A 1 1 ? -8.900  2.523   0.110  1.00 0.00 ? 1  DC A O2     1 
ATOM 12  N N3     . DC A 1 1 ? -8.131  2.280   -1.975 1.00 0.00 ? 1  DC A N3     1 
ATOM 13  C C4     . DC A 1 1 ? -7.619  2.834   -3.078 1.00 0.00 ? 1  DC A C4     1 
ATOM 14  N N4     . DC A 1 1 ? -7.274  2.028   -4.075 1.00 0.00 ? 1  DC A N4     1 
ATOM 15  C C5     . DC A 1 1 ? -7.383  4.243   -3.173 1.00 0.00 ? 1  DC A C5     1 
ATOM 16  C C6     . DC A 1 1 ? -7.751  4.998   -2.110 1.00 0.00 ? 1  DC A C6     1 
ATOM 17  H "H5'"  . DC A 1 1 ? -8.845  9.070   -0.578 1.00 0.00 ? 1  DC A "H5'"  1 
ATOM 18  H "H5''" . DC A 1 1 ? -7.632  9.456   0.655  1.00 0.00 ? 1  DC A "H5''" 1 
ATOM 19  H "H4'"  . DC A 1 1 ? -9.226  7.796   1.503  1.00 0.00 ? 1  DC A "H4'"  1 
ATOM 20  H "H3'"  . DC A 1 1 ? -6.515  7.591   1.661  1.00 0.00 ? 1  DC A "H3'"  1 
ATOM 21  H "H2'"  . DC A 1 1 ? -6.301  5.704   0.062  1.00 0.00 ? 1  DC A "H2'"  1 
ATOM 22  H "H2''" . DC A 1 1 ? -6.914  4.503   1.149  1.00 0.00 ? 1  DC A "H2''" 1 
ATOM 23  H "H1'"  . DC A 1 1 ? -9.100  4.765   1.006  1.00 0.00 ? 1  DC A "H1'"  1 
ATOM 24  H H41    . DC A 1 1 ? -7.433  1.030   -3.973 1.00 0.00 ? 1  DC A H41    1 
ATOM 25  H H42    . DC A 1 1 ? -6.822  2.384   -4.899 1.00 0.00 ? 1  DC A H42    1 
ATOM 26  H H5     . DC A 1 1 ? -6.929  4.718   -4.030 1.00 0.00 ? 1  DC A H5     1 
ATOM 27  H H6     . DC A 1 1 ? -7.544  6.061   -2.088 1.00 0.00 ? 1  DC A H6     1 
ATOM 28  H "HO5'" . DC A 1 1 ? -6.217  8.004   -0.417 1.00 0.00 ? 1  DC A "HO5'" 1 
ATOM 29  P P      . DA A 1 2 ? -6.821  6.412   4.196  1.00 0.00 ? 2  DA A P      1 
ATOM 30  O OP1    . DA A 1 2 ? -7.303  7.325   5.255  1.00 0.00 ? 2  DA A OP1    1 
ATOM 31  O OP2    . DA A 1 2 ? -5.436  6.722   3.781  1.00 0.00 ? 2  DA A OP2    1 
ATOM 32  O "O5'"  . DA A 1 2 ? -6.841  4.920   4.762  1.00 0.00 ? 2  DA A "O5'"  1 
ATOM 33  C "C5'"  . DA A 1 2 ? -7.949  4.410   5.479  1.00 0.00 ? 2  DA A "C5'"  1 
ATOM 34  C "C4'"  . DA A 1 2 ? -7.689  2.940   5.827  1.00 0.00 ? 2  DA A "C4'"  1 
ATOM 35  O "O4'"  . DA A 1 2 ? -7.449  2.223   4.633  1.00 0.00 ? 2  DA A "O4'"  1 
ATOM 36  C "C3'"  . DA A 1 2 ? -6.532  2.701   6.806  1.00 0.00 ? 2  DA A "C3'"  1 
ATOM 37  O "O3'"  . DA A 1 2 ? -6.904  1.790   7.828  1.00 0.00 ? 2  DA A "O3'"  1 
ATOM 38  C "C2'"  . DA A 1 2 ? -5.458  2.289   5.852  1.00 0.00 ? 2  DA A "C2'"  1 
ATOM 39  C "C1'"  . DA A 1 2 ? -6.178  1.622   4.708  1.00 0.00 ? 2  DA A "C1'"  1 
ATOM 40  N N9     . DA A 1 2 ? -5.534  1.822   3.388  1.00 0.00 ? 2  DA A N9     1 
ATOM 41  C C8     . DA A 1 2 ? -5.163  3.014   2.813  1.00 0.00 ? 2  DA A C8     1 
ATOM 42  N N7     . DA A 1 2 ? -4.919  2.950   1.534  1.00 0.00 ? 2  DA A N7     1 
ATOM 43  C C5     . DA A 1 2 ? -5.118  1.609   1.244  1.00 0.00 ? 2  DA A C5     1 
ATOM 44  C C6     . DA A 1 2 ? -5.041  0.879   0.050  1.00 0.00 ? 2  DA A C6     1 
ATOM 45  N N6     . DA A 1 2 ? -4.833  1.472   -1.125 1.00 0.00 ? 2  DA A N6     1 
ATOM 46  N N1     . DA A 1 2 ? -5.192  -0.452  0.092  1.00 0.00 ? 2  DA A N1     1 
ATOM 47  C C2     . DA A 1 2 ? -5.435  -1.031  1.268  1.00 0.00 ? 2  DA A C2     1 
ATOM 48  N N3     . DA A 1 2 ? -5.599  -0.448  2.453  1.00 0.00 ? 2  DA A N3     1 
ATOM 49  C C4     . DA A 1 2 ? -5.426  0.897   2.373  1.00 0.00 ? 2  DA A C4     1 
ATOM 50  H "H5'"  . DA A 1 2 ? -8.844  4.475   4.859  1.00 0.00 ? 2  DA A "H5'"  1 
ATOM 51  H "H5''" . DA A 1 2 ? -8.107  4.981   6.395  1.00 0.00 ? 2  DA A "H5''" 1 
ATOM 52  H "H4'"  . DA A 1 2 ? -8.565  2.474   6.253  1.00 0.00 ? 2  DA A "H4'"  1 
ATOM 53  H "H3'"  . DA A 1 2 ? -6.209  3.636   7.252  1.00 0.00 ? 2  DA A "H3'"  1 
ATOM 54  H "H2'"  . DA A 1 2 ? -4.986  3.159   5.478  1.00 0.00 ? 2  DA A "H2'"  1 
ATOM 55  H "H2''" . DA A 1 2 ? -4.807  1.634   6.402  1.00 0.00 ? 2  DA A "H2''" 1 
ATOM 56  H "H1'"  . DA A 1 2 ? -6.249  0.613   5.017  1.00 0.00 ? 2  DA A "H1'"  1 
ATOM 57  H H8     . DA A 1 2 ? -5.066  3.931   3.376  1.00 0.00 ? 2  DA A H8     1 
ATOM 58  H H61    . DA A 1 2 ? -4.844  0.953   -1.995 1.00 0.00 ? 2  DA A H61    1 
ATOM 59  H H62    . DA A 1 2 ? -4.690  2.471   -1.119 1.00 0.00 ? 2  DA A H62    1 
ATOM 60  H H2     . DA A 1 2 ? -5.554  -2.103  1.250  1.00 0.00 ? 2  DA A H2     1 
ATOM 61  P P      . DT A 1 3 ? -5.908  1.359   9.016  1.00 0.00 ? 3  DT A P      1 
ATOM 62  O OP1    . DT A 1 3 ? -6.735  0.914   10.159 1.00 0.00 ? 3  DT A OP1    1 
ATOM 63  O OP2    . DT A 1 3 ? -5.062  2.520   9.374  1.00 0.00 ? 3  DT A OP2    1 
ATOM 64  O "O5'"  . DT A 1 3 ? -4.966  0.138   8.588  1.00 0.00 ? 3  DT A "O5'"  1 
ATOM 65  C "C5'"  . DT A 1 3 ? -3.566  0.272   8.392  1.00 0.00 ? 3  DT A "C5'"  1 
ATOM 66  C "C4'"  . DT A 1 3 ? -3.120  -0.843  7.444  1.00 0.00 ? 3  DT A "C4'"  1 
ATOM 67  O "O4'"  . DT A 1 3 ? -3.582  -0.718  6.126  1.00 0.00 ? 3  DT A "O4'"  1 
ATOM 68  C "C3'"  . DT A 1 3 ? -1.625  -1.128  7.360  1.00 0.00 ? 3  DT A "C3'"  1 
ATOM 69  O "O3'"  . DT A 1 3 ? -1.438  -2.534  7.422  1.00 0.00 ? 3  DT A "O3'"  1 
ATOM 70  C "C2'"  . DT A 1 3 ? -1.187  -0.551  6.044  1.00 0.00 ? 3  DT A "C2'"  1 
ATOM 71  C "C1'"  . DT A 1 3 ? -2.459  -0.856  5.285  1.00 0.00 ? 3  DT A "C1'"  1 
ATOM 72  N N1     . DT A 1 3 ? -2.526  0.044   4.144  1.00 0.00 ? 3  DT A N1     1 
ATOM 73  C C2     . DT A 1 3 ? -2.246  -0.457  2.884  1.00 0.00 ? 3  DT A C2     1 
ATOM 74  O O2     . DT A 1 3 ? -2.168  -1.655  2.631  1.00 0.00 ? 3  DT A O2     1 
ATOM 75  N N3     . DT A 1 3 ? -2.029  0.485   1.908  1.00 0.00 ? 3  DT A N3     1 
ATOM 76  C C4     . DT A 1 3 ? -1.983  1.851   2.095  1.00 0.00 ? 3  DT A C4     1 
ATOM 77  O O4     . DT A 1 3 ? -1.763  2.574   1.129  1.00 0.00 ? 3  DT A O4     1 
ATOM 78  C C5     . DT A 1 3 ? -2.223  2.288   3.468  1.00 0.00 ? 3  DT A C5     1 
ATOM 79  C C7     . DT A 1 3 ? -2.132  3.760   3.820  1.00 0.00 ? 3  DT A C7     1 
ATOM 80  C C6     . DT A 1 3 ? -2.507  1.375   4.434  1.00 0.00 ? 3  DT A C6     1 
ATOM 81  H "H5'"  . DT A 1 3 ? -3.073  0.163   9.359  1.00 0.00 ? 3  DT A "H5'"  1 
ATOM 82  H "H5''" . DT A 1 3 ? -3.291  1.237   7.965  1.00 0.00 ? 3  DT A "H5''" 1 
ATOM 83  H "H4'"  . DT A 1 3 ? -3.584  -1.744  7.780  1.00 0.00 ? 3  DT A "H4'"  1 
ATOM 84  H "H3'"  . DT A 1 3 ? -1.145  -0.575  8.118  1.00 0.00 ? 3  DT A "H3'"  1 
ATOM 85  H "H2'"  . DT A 1 3 ? -0.915  0.512   6.172  1.00 0.00 ? 3  DT A "H2'"  1 
ATOM 86  H "H2''" . DT A 1 3 ? -0.374  -1.031  5.531  1.00 0.00 ? 3  DT A "H2''" 1 
ATOM 87  H "H1'"  . DT A 1 3 ? -2.346  -1.929  5.114  1.00 0.00 ? 3  DT A "H1'"  1 
ATOM 88  H H3     . DT A 1 3 ? -1.818  0.090   0.994  1.00 0.00 ? 3  DT A H3     1 
ATOM 89  H H71    . DT A 1 3 ? -1.090  4.021   4.006  1.00 0.00 ? 3  DT A H71    1 
ATOM 90  H H72    . DT A 1 3 ? -2.496  4.359   2.982  1.00 0.00 ? 3  DT A H72    1 
ATOM 91  H H73    . DT A 1 3 ? -2.726  3.993   4.703  1.00 0.00 ? 3  DT A H73    1 
ATOM 92  H H6     . DT A 1 3 ? -2.652  1.591   5.504  1.00 0.00 ? 3  DT A H6     1 
ATOM 93  P P      . DA A 1 4 ? -0.091  -3.248  7.916  1.00 0.00 ? 4  DA A P      1 
ATOM 94  O OP1    . DA A 1 4 ? -0.361  -4.149  9.057  1.00 0.00 ? 4  DA A OP1    1 
ATOM 95  O OP2    . DA A 1 4 ? 0.958   -2.246  8.199  1.00 0.00 ? 4  DA A OP2    1 
ATOM 96  O "O5'"  . DA A 1 4 ? 0.321   -4.104  6.629  1.00 0.00 ? 4  DA A "O5'"  1 
ATOM 97  C "C5'"  . DA A 1 4 ? -0.453  -5.215  6.220  1.00 0.00 ? 4  DA A "C5'"  1 
ATOM 98  C "C4'"  . DA A 1 4 ? 0.081   -5.822  4.917  1.00 0.00 ? 4  DA A "C4'"  1 
ATOM 99  O "O4'"  . DA A 1 4 ? 0.094   -4.770  3.967  1.00 0.00 ? 4  DA A "O4'"  1 
ATOM 100 C "C3'"  . DA A 1 4 ? 1.548   -6.349  4.956  1.00 0.00 ? 4  DA A "C3'"  1 
ATOM 101 O "O3'"  . DA A 1 4 ? 1.546   -7.617  4.319  1.00 0.00 ? 4  DA A "O3'"  1 
ATOM 102 C "C2'"  . DA A 1 4 ? 2.389   -5.210  4.386  1.00 0.00 ? 4  DA A "C2'"  1 
ATOM 103 C "C1'"  . DA A 1 4 ? 1.394   -4.606  3.428  1.00 0.00 ? 4  DA A "C1'"  1 
ATOM 104 N N9     . DA A 1 4 ? 1.623   -3.148  3.284  1.00 0.00 ? 4  DA A N9     1 
ATOM 105 C C8     . DA A 1 4 ? 1.587   -2.227  4.302  1.00 0.00 ? 4  DA A C8     1 
ATOM 106 N N7     . DA A 1 4 ? 1.579   -0.981  3.918  1.00 0.00 ? 4  DA A N7     1 
ATOM 107 C C5     . DA A 1 4 ? 1.625   -1.086  2.537  1.00 0.00 ? 4  DA A C5     1 
ATOM 108 C C6     . DA A 1 4 ? 1.577   -0.119  1.524  1.00 0.00 ? 4  DA A C6     1 
ATOM 109 N N6     . DA A 1 4 ? 1.382   1.171   1.800  1.00 0.00 ? 4  DA A N6     1 
ATOM 110 N N1     . DA A 1 4 ? 1.712   -0.507  0.249  1.00 0.00 ? 4  DA A N1     1 
ATOM 111 C C2     . DA A 1 4 ? 1.858   -1.807  -0.008 1.00 0.00 ? 4  DA A C2     1 
ATOM 112 N N3     . DA A 1 4 ? 1.848   -2.823  0.851  1.00 0.00 ? 4  DA A N3     1 
ATOM 113 C C4     . DA A 1 4 ? 1.712   -2.393  2.132  1.00 0.00 ? 4  DA A C4     1 
ATOM 114 H "H5'"  . DA A 1 4 ? -1.484  -4.896  6.056  1.00 0.00 ? 4  DA A "H5'"  1 
ATOM 115 H "H5''" . DA A 1 4 ? -0.441  -5.980  6.997  1.00 0.00 ? 4  DA A "H5''" 1 
ATOM 116 H "H4'"  . DA A 1 4 ? -0.699  -6.553  4.567  1.00 0.00 ? 4  DA A "H4'"  1 
ATOM 117 H "H3'"  . DA A 1 4 ? 1.935   -6.431  5.967  1.00 0.00 ? 4  DA A "H3'"  1 
ATOM 118 H "H2'"  . DA A 1 4 ? 2.655   -4.473  5.125  1.00 0.00 ? 4  DA A "H2'"  1 
ATOM 119 H "H2''" . DA A 1 4 ? 3.303   -5.548  3.887  1.00 0.00 ? 4  DA A "H2''" 1 
ATOM 120 H "H1'"  . DA A 1 4 ? 1.499   -5.225  2.573  1.00 0.00 ? 4  DA A "H1'"  1 
ATOM 121 H H8     . DA A 1 4 ? 1.534   -2.520  5.341  1.00 0.00 ? 4  DA A H8     1 
ATOM 122 H H61    . DA A 1 4 ? 1.256   1.869   1.075  1.00 0.00 ? 4  DA A H61    1 
ATOM 123 H H62    . DA A 1 4 ? 1.315   1.423   2.773  1.00 0.00 ? 4  DA A H62    1 
ATOM 124 H H2     . DA A 1 4 ? 1.963   -2.072  -1.048 1.00 0.00 ? 4  DA A H2     1 
ATOM 125 P P      . DT A 1 5 ? 2.853   -8.529  4.150  1.00 0.00 ? 5  DT A P      1 
ATOM 126 O OP1    . DT A 1 5 ? 2.436   -9.861  3.661  1.00 0.00 ? 5  DT A OP1    1 
ATOM 127 O OP2    . DT A 1 5 ? 3.552   -8.609  5.452  1.00 0.00 ? 5  DT A OP2    1 
ATOM 128 O "O5'"  . DT A 1 5 ? 3.812   -7.862  3.070  1.00 0.00 ? 5  DT A "O5'"  1 
ATOM 129 C "C5'"  . DT A 1 5 ? 5.119   -7.439  3.397  1.00 0.00 ? 5  DT A "C5'"  1 
ATOM 130 C "C4'"  . DT A 1 5 ? 5.592   -6.553  2.250  1.00 0.00 ? 5  DT A "C4'"  1 
ATOM 131 O "O4'"  . DT A 1 5 ? 4.756   -5.490  1.894  1.00 0.00 ? 5  DT A "O4'"  1 
ATOM 132 C "C3'"  . DT A 1 5 ? 7.054   -6.298  2.043  1.00 0.00 ? 5  DT A "C3'"  1 
ATOM 133 O "O3'"  . DT A 1 5 ? 7.643   -6.886  0.881  1.00 0.00 ? 5  DT A "O3'"  1 
ATOM 134 C "C2'"  . DT A 1 5 ? 6.983   -4.811  1.983  1.00 0.00 ? 5  DT A "C2'"  1 
ATOM 135 C "C1'"  . DT A 1 5 ? 5.606   -4.490  1.418  1.00 0.00 ? 5  DT A "C1'"  1 
ATOM 136 N N1     . DT A 1 5 ? 5.159   -3.222  2.011  1.00 0.00 ? 5  DT A N1     1 
ATOM 137 C C2     . DT A 1 5 ? 5.134   -2.088  1.215  1.00 0.00 ? 5  DT A C2     1 
ATOM 138 O O2     . DT A 1 5 ? 5.256   -2.113  -0.005 1.00 0.00 ? 5  DT A O2     1 
ATOM 139 N N3     . DT A 1 5 ? 4.982   -0.894  1.880  1.00 0.00 ? 5  DT A N3     1 
ATOM 140 C C4     . DT A 1 5 ? 4.932   -0.725  3.248  1.00 0.00 ? 5  DT A C4     1 
ATOM 141 O O4     . DT A 1 5 ? 4.828   0.409   3.706  1.00 0.00 ? 5  DT A O4     1 
ATOM 142 C C5     . DT A 1 5 ? 5.007   -1.962  4.016  1.00 0.00 ? 5  DT A C5     1 
ATOM 143 C C7     . DT A 1 5 ? 5.143   -1.887  5.525  1.00 0.00 ? 5  DT A C7     1 
ATOM 144 C C6     . DT A 1 5 ? 5.084   -3.161  3.380  1.00 0.00 ? 5  DT A C6     1 
ATOM 145 H "H5'"  . DT A 1 5 ? 5.770   -8.308  3.498  1.00 0.00 ? 5  DT A "H5'"  1 
ATOM 146 H "H5''" . DT A 1 5 ? 5.138   -6.860  4.321  1.00 0.00 ? 5  DT A "H5''" 1 
ATOM 147 H "H4'"  . DT A 1 5 ? 5.571   -7.042  1.341  1.00 0.00 ? 5  DT A "H4'"  1 
ATOM 148 H "H3'"  . DT A 1 5 ? 7.524   -6.592  2.941  1.00 0.00 ? 5  DT A "H3'"  1 
ATOM 149 H "H2'"  . DT A 1 5 ? 7.152   -4.413  2.986  1.00 0.00 ? 5  DT A "H2'"  1 
ATOM 150 H "H2''" . DT A 1 5 ? 7.711   -4.557  1.247  1.00 0.00 ? 5  DT A "H2''" 1 
ATOM 151 H "H1'"  . DT A 1 5 ? 5.646   -4.558  0.330  1.00 0.00 ? 5  DT A "H1'"  1 
ATOM 152 H H3     . DT A 1 5 ? 4.981   -0.071  1.283  1.00 0.00 ? 5  DT A H3     1 
ATOM 153 H H71    . DT A 1 5 ? 5.013   -2.867  5.984  1.00 0.00 ? 5  DT A H71    1 
ATOM 154 H H72    . DT A 1 5 ? 6.130   -1.495  5.775  1.00 0.00 ? 5  DT A H72    1 
ATOM 155 H H73    . DT A 1 5 ? 4.383   -1.208  5.918  1.00 0.00 ? 5  DT A H73    1 
ATOM 156 H H6     . DT A 1 5 ? 5.174   -4.132  3.890  1.00 0.00 ? 5  DT A H6     1 
ATOM 157 P P      . DG A 1 6 ? 9.231   -6.997  0.663  1.00 0.00 ? 6  DG A P      1 
ATOM 158 O OP1    . DG A 1 6 ? 9.552   -8.273  -0.013 1.00 0.00 ? 6  DG A OP1    1 
ATOM 159 O OP2    . DG A 1 6 ? 9.931   -6.852  1.958  1.00 0.00 ? 6  DG A OP2    1 
ATOM 160 O "O5'"  . DG A 1 6 ? 9.638   -5.785  -0.301 1.00 0.00 ? 6  DG A "O5'"  1 
ATOM 161 C "C5'"  . DG A 1 6 ? 9.163   -5.744  -1.635 1.00 0.00 ? 6  DG A "C5'"  1 
ATOM 162 C "C4'"  . DG A 1 6 ? 9.327   -4.335  -2.207 1.00 0.00 ? 6  DG A "C4'"  1 
ATOM 163 O "O4'"  . DG A 1 6 ? 8.726   -3.362  -1.382 1.00 0.00 ? 6  DG A "O4'"  1 
ATOM 164 C "C3'"  . DG A 1 6 ? 10.692  -3.895  -2.680 1.00 0.00 ? 6  DG A "C3'"  1 
ATOM 165 O "O3'"  . DG A 1 6 ? 10.693  -3.390  -4.009 1.00 0.00 ? 6  DG A "O3'"  1 
ATOM 166 C "C2'"  . DG A 1 6 ? 10.982  -2.825  -1.665 1.00 0.00 ? 6  DG A "C2'"  1 
ATOM 167 C "C1'"  . DG A 1 6 ? 9.600   -2.266  -1.299 1.00 0.00 ? 6  DG A "C1'"  1 
ATOM 168 N N9     . DG A 1 6 ? 9.515   -1.733  0.079  1.00 0.00 ? 6  DG A N9     1 
ATOM 169 C C8     . DG A 1 6 ? 9.758   -2.388  1.262  1.00 0.00 ? 6  DG A C8     1 
ATOM 170 N N7     . DG A 1 6 ? 9.371   -1.736  2.323  1.00 0.00 ? 6  DG A N7     1 
ATOM 171 C C5     . DG A 1 6 ? 8.866   -0.544  1.814  1.00 0.00 ? 6  DG A C5     1 
ATOM 172 C C6     . DG A 1 6 ? 8.308   0.586   2.485  1.00 0.00 ? 6  DG A C6     1 
ATOM 173 O O6     . DG A 1 6 ? 8.036   0.708   3.678  1.00 0.00 ? 6  DG A O6     1 
ATOM 174 N N1     . DG A 1 6 ? 8.072   1.649   1.629  1.00 0.00 ? 6  DG A N1     1 
ATOM 175 C C2     . DG A 1 6 ? 8.247   1.602   0.268  1.00 0.00 ? 6  DG A C2     1 
ATOM 176 N N2     . DG A 1 6 ? 7.997   2.703   -0.434 1.00 0.00 ? 6  DG A N2     1 
ATOM 177 N N3     . DG A 1 6 ? 8.685   0.520   -0.384 1.00 0.00 ? 6  DG A N3     1 
ATOM 178 C C4     . DG A 1 6 ? 8.993   -0.513  0.446  1.00 0.00 ? 6  DG A C4     1 
ATOM 179 H "H5'"  . DG A 1 6 ? 8.098   -5.980  -1.649 1.00 0.00 ? 6  DG A "H5'"  1 
ATOM 180 H "H5''" . DG A 1 6 ? 9.692   -6.472  -2.252 1.00 0.00 ? 6  DG A "H5''" 1 
ATOM 181 H "H4'"  . DG A 1 6 ? 8.832   -4.187  -3.145 1.00 0.00 ? 6  DG A "H4'"  1 
ATOM 182 H "H3'"  . DG A 1 6 ? 11.405  -4.704  -2.610 1.00 0.00 ? 6  DG A "H3'"  1 
ATOM 183 H "H2'"  . DG A 1 6 ? 11.693  -3.127  -0.875 1.00 0.00 ? 6  DG A "H2'"  1 
ATOM 184 H "H2''" . DG A 1 6 ? 11.362  -2.088  -2.335 1.00 0.00 ? 6  DG A "H2''" 1 
ATOM 185 H "H1'"  . DG A 1 6 ? 9.269   -1.538  -2.051 1.00 0.00 ? 6  DG A "H1'"  1 
ATOM 186 H H8     . DG A 1 6 ? 10.222  -3.362  1.315  1.00 0.00 ? 6  DG A H8     1 
ATOM 187 H H1     . DG A 1 6 ? 7.720   2.499   2.068  1.00 0.00 ? 6  DG A H1     1 
ATOM 188 H H21    . DG A 1 6 ? 7.803   3.579   0.034  1.00 0.00 ? 6  DG A H21    1 
ATOM 189 H H22    . DG A 1 6 ? 8.065   2.661   -1.439 1.00 0.00 ? 6  DG A H22    1 
ATOM 190 O "O5'"  . DC B 1 1 ? 4.101   9.363   3.781  1.00 0.00 ? 7  DC B "O5'"  1 
ATOM 191 C "C5'"  . DC B 1 1 ? 4.924   10.273  3.082  1.00 0.00 ? 7  DC B "C5'"  1 
ATOM 192 C "C4'"  . DC B 1 1 ? 5.690   9.576   1.950  1.00 0.00 ? 7  DC B "C4'"  1 
ATOM 193 O "O4'"  . DC B 1 1 ? 6.606   8.642   2.492  1.00 0.00 ? 7  DC B "O4'"  1 
ATOM 194 C "C3'"  . DC B 1 1 ? 4.776   8.889   0.916  1.00 0.00 ? 7  DC B "C3'"  1 
ATOM 195 O "O3'"  . DC B 1 1 ? 5.260   9.161   -0.389 1.00 0.00 ? 7  DC B "O3'"  1 
ATOM 196 C "C2'"  . DC B 1 1 ? 5.000   7.398   1.314  1.00 0.00 ? 7  DC B "C2'"  1 
ATOM 197 C "C1'"  . DC B 1 1 ? 6.434   7.416   1.823  1.00 0.00 ? 7  DC B "C1'"  1 
ATOM 198 N N1     . DC B 1 1 ? 6.588   6.253   2.730  1.00 0.00 ? 7  DC B N1     1 
ATOM 199 C C2     . DC B 1 1 ? 7.159   5.087   2.231  1.00 0.00 ? 7  DC B C2     1 
ATOM 200 O O2     . DC B 1 1 ? 7.673   5.050   1.116  1.00 0.00 ? 7  DC B O2     1 
ATOM 201 N N3     . DC B 1 1 ? 7.120   3.953   2.984  1.00 0.00 ? 7  DC B N3     1 
ATOM 202 C C4     . DC B 1 1 ? 6.518   3.954   4.177  1.00 0.00 ? 7  DC B C4     1 
ATOM 203 N N4     . DC B 1 1 ? 6.489   2.816   4.858  1.00 0.00 ? 7  DC B N4     1 
ATOM 204 C C5     . DC B 1 1 ? 5.864   5.121   4.688  1.00 0.00 ? 7  DC B C5     1 
ATOM 205 C C6     . DC B 1 1 ? 5.928   6.241   3.929  1.00 0.00 ? 7  DC B C6     1 
ATOM 206 H "H5'"  . DC B 1 1 ? 5.635   10.715  3.779  1.00 0.00 ? 7  DC B "H5'"  1 
ATOM 207 H "H5''" . DC B 1 1 ? 4.302   11.068  2.666  1.00 0.00 ? 7  DC B "H5''" 1 
ATOM 208 H "H4'"  . DC B 1 1 ? 6.286   10.325  1.431  1.00 0.00 ? 7  DC B "H4'"  1 
ATOM 209 H "H3'"  . DC B 1 1 ? 3.766   9.354   1.081  1.00 0.00 ? 7  DC B "H3'"  1 
ATOM 210 H "H2'"  . DC B 1 1 ? 4.224   7.096   2.010  1.00 0.00 ? 7  DC B "H2'"  1 
ATOM 211 H "H2''" . DC B 1 1 ? 5.124   6.541   0.639  1.00 0.00 ? 7  DC B "H2''" 1 
ATOM 212 H "H1'"  . DC B 1 1 ? 7.126   7.406   0.964  1.00 0.00 ? 7  DC B "H1'"  1 
ATOM 213 H H41    . DC B 1 1 ? 6.942   1.998   4.462  1.00 0.00 ? 7  DC B H41    1 
ATOM 214 H H42    . DC B 1 1 ? 5.990   2.744   5.729  1.00 0.00 ? 7  DC B H42    1 
ATOM 215 H H5     . DC B 1 1 ? 5.329   5.144   5.626  1.00 0.00 ? 7  DC B H5     1 
ATOM 216 H H6     . DC B 1 1 ? 5.403   7.141   4.224  1.00 0.00 ? 7  DC B H6     1 
ATOM 217 H "HO5'" . DC B 1 1 ? 3.459   8.994   3.169  1.00 0.00 ? 7  DC B "HO5'" 1 
ATOM 218 P P      . DA B 1 2 ? 4.294   9.166   -1.675 1.00 0.00 ? 8  DA B P      1 
ATOM 219 O OP1    . DA B 1 2 ? 4.417   10.462  -2.377 1.00 0.00 ? 8  DA B OP1    1 
ATOM 220 O OP2    . DA B 1 2 ? 2.903   8.890   -1.255 1.00 0.00 ? 8  DA B OP2    1 
ATOM 221 O "O5'"  . DA B 1 2 ? 4.746   8.003   -2.671 1.00 0.00 ? 8  DA B "O5'"  1 
ATOM 222 C "C5'"  . DA B 1 2 ? 5.919   8.106   -3.453 1.00 0.00 ? 8  DA B "C5'"  1 
ATOM 223 C "C4'"  . DA B 1 2 ? 6.107   6.809   -4.249 1.00 0.00 ? 8  DA B "C4'"  1 
ATOM 224 O "O4'"  . DA B 1 2 ? 6.159   5.723   -3.347 1.00 0.00 ? 8  DA B "O4'"  1 
ATOM 225 C "C3'"  . DA B 1 2 ? 5.034   6.539   -5.311 1.00 0.00 ? 8  DA B "C3'"  1 
ATOM 226 O "O3'"  . DA B 1 2 ? 5.617   6.148   -6.543 1.00 0.00 ? 8  DA B "O3'"  1 
ATOM 227 C "C2'"  . DA B 1 2 ? 4.188   5.544   -4.584 1.00 0.00 ? 8  DA B "C2'"  1 
ATOM 228 C "C1'"  . DA B 1 2 ? 5.135   4.813   -3.666 1.00 0.00 ? 8  DA B "C1'"  1 
ATOM 229 N N9     . DA B 1 2 ? 4.526   4.388   -2.382 1.00 0.00 ? 8  DA B N9     1 
ATOM 230 C C8     . DA B 1 2 ? 3.835   5.171   -1.487 1.00 0.00 ? 8  DA B C8     1 
ATOM 231 N N7     . DA B 1 2 ? 3.687   4.645   -0.304 1.00 0.00 ? 8  DA B N7     1 
ATOM 232 C C5     . DA B 1 2 ? 4.303   3.410   -0.432 1.00 0.00 ? 8  DA B C5     1 
ATOM 233 C C6     . DA B 1 2 ? 4.516   2.361   0.475  1.00 0.00 ? 8  DA B C6     1 
ATOM 234 N N6     . DA B 1 2 ? 4.194   2.470   1.764  1.00 0.00 ? 8  DA B N6     1 
ATOM 235 N N1     . DA B 1 2 ? 5.067   1.223   0.033  1.00 0.00 ? 8  DA B N1     1 
ATOM 236 C C2     . DA B 1 2 ? 5.418   1.138   -1.250 1.00 0.00 ? 8  DA B C2     1 
ATOM 237 N N3     . DA B 1 2 ? 5.335   2.078   -2.189 1.00 0.00 ? 8  DA B N3     1 
ATOM 238 C C4     . DA B 1 2 ? 4.761   3.210   -1.708 1.00 0.00 ? 8  DA B C4     1 
ATOM 239 H "H5'"  . DA B 1 2 ? 6.779   8.250   -2.800 1.00 0.00 ? 8  DA B "H5'"  1 
ATOM 240 H "H5''" . DA B 1 2 ? 5.846   8.950   -4.140 1.00 0.00 ? 8  DA B "H5''" 1 
ATOM 241 H "H4'"  . DA B 1 2 ? 7.063   6.792   -4.754 1.00 0.00 ? 8  DA B "H4'"  1 
ATOM 242 H "H3'"  . DA B 1 2 ? 4.416   7.418   -5.463 1.00 0.00 ? 8  DA B "H3'"  1 
ATOM 243 H "H2'"  . DA B 1 2 ? 3.489   6.066   -3.984 1.00 0.00 ? 8  DA B "H2'"  1 
ATOM 244 H "H2''" . DA B 1 2 ? 3.743   4.923   -5.340 1.00 0.00 ? 8  DA B "H2''" 1 
ATOM 245 H "H1'"  . DA B 1 2 ? 5.497   4.022   -4.266 1.00 0.00 ? 8  DA B "H1'"  1 
ATOM 246 H H8     . DA B 1 2 ? 3.433   6.139   -1.746 1.00 0.00 ? 8  DA B H8     1 
ATOM 247 H H61    . DA B 1 2 ? 4.407   1.738   2.431  1.00 0.00 ? 8  DA B H61    1 
ATOM 248 H H62    . DA B 1 2 ? 3.751   3.326   2.057  1.00 0.00 ? 8  DA B H62    1 
ATOM 249 H H2     . DA B 1 2 ? 5.862   0.204   -1.558 1.00 0.00 ? 8  DA B H2     1 
ATOM 250 P P      . DT B 1 3 ? 4.743   5.818   -7.854 1.00 0.00 ? 9  DT B P      1 
ATOM 251 O OP1    . DT B 1 3 ? 5.609   6.024   -9.036 1.00 0.00 ? 9  DT B OP1    1 
ATOM 252 O OP2    . DT B 1 3 ? 3.563   6.712   -7.879 1.00 0.00 ? 9  DT B OP2    1 
ATOM 253 O "O5'"  . DT B 1 3 ? 4.245   4.296   -7.870 1.00 0.00 ? 9  DT B "O5'"  1 
ATOM 254 C "C5'"  . DT B 1 3 ? 2.886   3.926   -7.713 1.00 0.00 ? 9  DT B "C5'"  1 
ATOM 255 C "C4'"  . DT B 1 3 ? 2.852   2.492   -7.176 1.00 0.00 ? 9  DT B "C4'"  1 
ATOM 256 O "O4'"  . DT B 1 3 ? 3.319   2.343   -5.862 1.00 0.00 ? 9  DT B "O4'"  1 
ATOM 257 C "C3'"  . DT B 1 3 ? 1.525   1.749   -7.259 1.00 0.00 ? 9  DT B "C3'"  1 
ATOM 258 O "O3'"  . DT B 1 3 ? 1.777   0.444   -7.759 1.00 0.00 ? 9  DT B "O3'"  1 
ATOM 259 C "C2'"  . DT B 1 3 ? 0.996   1.729   -5.853 1.00 0.00 ? 9  DT B "C2'"  1 
ATOM 260 C "C1'"  . DT B 1 3 ? 2.336   1.614   -5.161 1.00 0.00 ? 9  DT B "C1'"  1 
ATOM 261 N N1     . DT B 1 3 ? 2.180   2.093   -3.797 1.00 0.00 ? 9  DT B N1     1 
ATOM 262 C C2     . DT B 1 3 ? 2.131   1.168   -2.768 1.00 0.00 ? 9  DT B C2     1 
ATOM 263 O O2     . DT B 1 3 ? 2.439   -0.011  -2.899 1.00 0.00 ? 9  DT B O2     1 
ATOM 264 N N3     . DT B 1 3 ? 1.684   1.650   -1.562 1.00 0.00 ? 9  DT B N3     1 
ATOM 265 C C4     . DT B 1 3 ? 1.208   2.923   -1.322 1.00 0.00 ? 9  DT B C4     1 
ATOM 266 O O4     . DT B 1 3 ? 0.826   3.209   -0.192 1.00 0.00 ? 9  DT B O4     1 
ATOM 267 C C5     . DT B 1 3 ? 1.233   3.812   -2.480 1.00 0.00 ? 9  DT B C5     1 
ATOM 268 C C7     . DT B 1 3 ? 0.675   5.218   -2.366 1.00 0.00 ? 9  DT B C7     1 
ATOM 269 C C6     . DT B 1 3 ? 1.737   3.376   -3.665 1.00 0.00 ? 9  DT B C6     1 
ATOM 270 H "H5'"  . DT B 1 3 ? 2.402   3.973   -8.689 1.00 0.00 ? 9  DT B "H5'"  1 
ATOM 271 H "H5''" . DT B 1 3 ? 2.348   4.578   -7.023 1.00 0.00 ? 9  DT B "H5''" 1 
ATOM 272 H "H4'"  . DT B 1 3 ? 3.554   1.928   -7.750 1.00 0.00 ? 9  DT B "H4'"  1 
ATOM 273 H "H3'"  . DT B 1 3 ? 0.859   2.332   -7.833 1.00 0.00 ? 9  DT B "H3'"  1 
ATOM 274 H "H2'"  . DT B 1 3 ? 0.404   2.640   -5.661 1.00 0.00 ? 9  DT B "H2'"  1 
ATOM 275 H "H2''" . DT B 1 3 ? 0.397   0.888   -5.553 1.00 0.00 ? 9  DT B "H2''" 1 
ATOM 276 H "H1'"  . DT B 1 3 ? 2.568   0.559   -5.335 1.00 0.00 ? 9  DT B "H1'"  1 
ATOM 277 H H3     . DT B 1 3 ? 1.650   0.949   -0.825 1.00 0.00 ? 9  DT B H3     1 
ATOM 278 H H71    . DT B 1 3 ? 0.879   5.612   -1.368 1.00 0.00 ? 9  DT B H71    1 
ATOM 279 H H72    . DT B 1 3 ? 1.123   5.881   -3.105 1.00 0.00 ? 9  DT B H72    1 
ATOM 280 H H73    . DT B 1 3 ? -0.404  5.188   -2.515 1.00 0.00 ? 9  DT B H73    1 
ATOM 281 H H6     . DT B 1 3 ? 1.754   3.943   -4.608 1.00 0.00 ? 9  DT B H6     1 
ATOM 282 P P      . DA B 1 4 ? 0.693   -0.462  -8.514 1.00 0.00 ? 10 DA B P      1 
ATOM 283 O OP1    . DA B 1 4 ? 1.169   -0.838  -9.862 1.00 0.00 ? 10 DA B OP1    1 
ATOM 284 O OP2    . DA B 1 4 ? -0.628  0.204   -8.528 1.00 0.00 ? 10 DA B OP2    1 
ATOM 285 O "O5'"  . DA B 1 4 ? 0.629   -1.755  -7.577 1.00 0.00 ? 10 DA B "O5'"  1 
ATOM 286 C "C5'"  . DA B 1 4 ? 1.728   -2.642  -7.491 1.00 0.00 ? 10 DA B "C5'"  1 
ATOM 287 C "C4'"  . DA B 1 4 ? 1.473   -3.754  -6.466 1.00 0.00 ? 10 DA B "C4'"  1 
ATOM 288 O "O4'"  . DA B 1 4 ? 1.184   -3.104  -5.240 1.00 0.00 ? 10 DA B "O4'"  1 
ATOM 289 C "C3'"  . DA B 1 4 ? 0.239   -4.670  -6.739 1.00 0.00 ? 10 DA B "C3'"  1 
ATOM 290 O "O3'"  . DA B 1 4 ? 0.664   -6.006  -6.524 1.00 0.00 ? 10 DA B "O3'"  1 
ATOM 291 C "C2'"  . DA B 1 4 ? -0.882  -4.079  -5.890 1.00 0.00 ? 10 DA B "C2'"  1 
ATOM 292 C "C1'"  . DA B 1 4 ? -0.075  -3.523  -4.744 1.00 0.00 ? 10 DA B "C1'"  1 
ATOM 293 N N9     . DA B 1 4 ? -0.736  -2.325  -4.169 1.00 0.00 ? 10 DA B N9     1 
ATOM 294 C C8     . DA B 1 4 ? -1.036  -1.172  -4.851 1.00 0.00 ? 10 DA B C8     1 
ATOM 295 N N7     . DA B 1 4 ? -1.394  -0.166  -4.103 1.00 0.00 ? 10 DA B N7     1 
ATOM 296 C C5     . DA B 1 4 ? -1.336  -0.698  -2.826 1.00 0.00 ? 10 DA B C5     1 
ATOM 297 C C6     . DA B 1 4 ? -1.538  -0.126  -1.563 1.00 0.00 ? 10 DA B C6     1 
ATOM 298 N N6     . DA B 1 4 ? -1.763  1.180   -1.418 1.00 0.00 ? 10 DA B N6     1 
ATOM 299 N N1     . DA B 1 4 ? -1.482  -0.909  -0.478 1.00 0.00 ? 10 DA B N1     1 
ATOM 300 C C2     . DA B 1 4 ? -1.208  -2.202  -0.640 1.00 0.00 ? 10 DA B C2     1 
ATOM 301 N N3     . DA B 1 4 ? -0.928  -2.851  -1.770 1.00 0.00 ? 10 DA B N3     1 
ATOM 302 C C4     . DA B 1 4 ? -0.995  -2.028  -2.847 1.00 0.00 ? 10 DA B C4     1 
ATOM 303 H "H5'"  . DA B 1 4 ? 2.617   -2.088  -7.186 1.00 0.00 ? 10 DA B "H5'"  1 
ATOM 304 H "H5''" . DA B 1 4 ? 1.914   -3.095  -8.466 1.00 0.00 ? 10 DA B "H5''" 1 
ATOM 305 H "H4'"  . DA B 1 4 ? 2.457   -4.280  -6.320 1.00 0.00 ? 10 DA B "H4'"  1 
ATOM 306 H "H3'"  . DA B 1 4 ? -0.154  -4.551  -7.744 1.00 0.00 ? 10 DA B "H3'"  1 
ATOM 307 H "H2'"  . DA B 1 4 ? -1.398  -3.269  -6.378 1.00 0.00 ? 10 DA B "H2'"  1 
ATOM 308 H "H2''" . DA B 1 4 ? -1.621  -4.819  -5.564 1.00 0.00 ? 10 DA B "H2''" 1 
ATOM 309 H "H1'"  . DA B 1 4 ? 0.058   -4.376  -4.127 1.00 0.00 ? 10 DA B "H1'"  1 
ATOM 310 H H8     . DA B 1 4 ? -0.946  -1.099  -5.927 1.00 0.00 ? 10 DA B H8     1 
ATOM 311 H H61    . DA B 1 4 ? -1.822  1.624   -0.509 1.00 0.00 ? 10 DA B H61    1 
ATOM 312 H H62    . DA B 1 4 ? -1.826  1.728   -2.263 1.00 0.00 ? 10 DA B H62    1 
ATOM 313 H H2     . DA B 1 4 ? -1.174  -2.795  0.261  1.00 0.00 ? 10 DA B H2     1 
ATOM 314 P P      . DT B 1 5 ? -0.287  -7.282  -6.709 1.00 0.00 ? 11 DT B P      1 
ATOM 315 O OP1    . DT B 1 5 ? 0.544   -8.503  -6.633 1.00 0.00 ? 11 DT B OP1    1 
ATOM 316 O OP2    . DT B 1 5 ? -0.991  -7.170  -8.007 1.00 0.00 ? 11 DT B OP2    1 
ATOM 317 O "O5'"  . DT B 1 5 ? -1.351  -7.310  -5.526 1.00 0.00 ? 11 DT B "O5'"  1 
ATOM 318 C "C5'"  . DT B 1 5 ? -2.738  -7.230  -5.771 1.00 0.00 ? 11 DT B "C5'"  1 
ATOM 319 C "C4'"  . DT B 1 5 ? -3.405  -6.932  -4.433 1.00 0.00 ? 11 DT B "C4'"  1 
ATOM 320 O "O4'"  . DT B 1 5 ? -2.919  -5.825  -3.725 1.00 0.00 ? 11 DT B "O4'"  1 
ATOM 321 C "C3'"  . DT B 1 5 ? -4.863  -7.216  -4.232 1.00 0.00 ? 11 DT B "C3'"  1 
ATOM 322 O "O3'"  . DT B 1 5 ? -5.183  -8.284  -3.337 1.00 0.00 ? 11 DT B "O3'"  1 
ATOM 323 C "C2'"  . DT B 1 5 ? -5.250  -5.874  -3.712 1.00 0.00 ? 11 DT B "C2'"  1 
ATOM 324 C "C1'"  . DT B 1 5 ? -4.012  -5.334  -3.008 1.00 0.00 ? 11 DT B "C1'"  1 
ATOM 325 N N1     . DT B 1 5 ? -4.008  -3.872  -3.159 1.00 0.00 ? 11 DT B N1     1 
ATOM 326 C C2     . DT B 1 5 ? -4.295  -3.089  -2.053 1.00 0.00 ? 11 DT B C2     1 
ATOM 327 O O2     . DT B 1 5 ? -4.342  -3.524  -0.908 1.00 0.00 ? 11 DT B O2     1 
ATOM 328 N N3     . DT B 1 5 ? -4.551  -1.763  -2.310 1.00 0.00 ? 11 DT B N3     1 
ATOM 329 C C4     . DT B 1 5 ? -4.624  -1.175  -3.556 1.00 0.00 ? 11 DT B C4     1 
ATOM 330 O O4     . DT B 1 5 ? -4.898  0.020   -3.637 1.00 0.00 ? 11 DT B O4     1 
ATOM 331 C C5     . DT B 1 5 ? -4.353  -2.074  -4.669 1.00 0.00 ? 11 DT B C5     1 
ATOM 332 C C7     . DT B 1 5 ? -4.580  -1.584  -6.087 1.00 0.00 ? 11 DT B C7     1 
ATOM 333 C C6     . DT B 1 5 ? -4.024  -3.372  -4.437 1.00 0.00 ? 11 DT B C6     1 
ATOM 334 H "H5'"  . DT B 1 5 ? -3.095  -8.181  -6.168 1.00 0.00 ? 11 DT B "H5'"  1 
ATOM 335 H "H5''" . DT B 1 5 ? -2.982  -6.431  -6.473 1.00 0.00 ? 11 DT B "H5''" 1 
ATOM 336 H "H4'"  . DT B 1 5 ? -3.188  -7.644  -3.719 1.00 0.00 ? 11 DT B "H4'"  1 
ATOM 337 H "H3'"  . DT B 1 5 ? -5.262  -7.349  -5.198 1.00 0.00 ? 11 DT B "H3'"  1 
ATOM 338 H "H2'"  . DT B 1 5 ? -5.583  -5.259  -4.552 1.00 0.00 ? 11 DT B "H2'"  1 
ATOM 339 H "H2''" . DT B 1 5 ? -5.984  -6.096  -2.971 1.00 0.00 ? 11 DT B "H2''" 1 
ATOM 340 H "H1'"  . DT B 1 5 ? -3.976  -5.743  -1.998 1.00 0.00 ? 11 DT B "H1'"  1 
ATOM 341 H H3     . DT B 1 5 ? -4.774  -1.206  -1.490 1.00 0.00 ? 11 DT B H3     1 
ATOM 342 H H71    . DT B 1 5 ? -5.650  -1.459  -6.253 1.00 0.00 ? 11 DT B H71    1 
ATOM 343 H H72    . DT B 1 5 ? -4.086  -0.619  -6.213 1.00 0.00 ? 11 DT B H72    1 
ATOM 344 H H73    . DT B 1 5 ? -4.178  -2.286  -6.817 1.00 0.00 ? 11 DT B H73    1 
ATOM 345 H H6     . DT B 1 5 ? -3.836  -4.118  -5.227 1.00 0.00 ? 11 DT B H6     1 
ATOM 346 P P      . DG B 1 6 ? -6.646  -8.941  -3.244 1.00 0.00 ? 12 DG B P      1 
ATOM 347 O OP1    . DG B 1 6 ? -6.525  -10.396 -3.010 1.00 0.00 ? 12 DG B OP1    1 
ATOM 348 O OP2    . DG B 1 6 ? -7.420  -8.627  -4.465 1.00 0.00 ? 12 DG B OP2    1 
ATOM 349 O "O5'"  . DG B 1 6 ? -7.357  -8.272  -1.975 1.00 0.00 ? 12 DG B "O5'"  1 
ATOM 350 C "C5'"  . DG B 1 6 ? -6.852  -8.500  -0.671 1.00 0.00 ? 12 DG B "C5'"  1 
ATOM 351 C "C4'"  . DG B 1 6 ? -7.413  -7.458  0.298  1.00 0.00 ? 12 DG B "C4'"  1 
ATOM 352 O "O4'"  . DG B 1 6 ? -7.184  -6.143  -0.157 1.00 0.00 ? 12 DG B "O4'"  1 
ATOM 353 C "C3'"  . DG B 1 6 ? -8.823  -7.628  0.816  1.00 0.00 ? 12 DG B "C3'"  1 
ATOM 354 O "O3'"  . DG B 1 6 ? -8.913  -7.583  2.233  1.00 0.00 ? 12 DG B "O3'"  1 
ATOM 355 C "C2'"  . DG B 1 6 ? -9.479  -6.443  0.164  1.00 0.00 ? 12 DG B "C2'"  1 
ATOM 356 C "C1'"  . DG B 1 6 ? -8.357  -5.401  0.057  1.00 0.00 ? 12 DG B "C1'"  1 
ATOM 357 N N9     . DG B 1 6 ? -8.508  -4.469  -1.084 1.00 0.00 ? 12 DG B N9     1 
ATOM 358 C C8     . DG B 1 6 ? -8.596  -4.771  -2.421 1.00 0.00 ? 12 DG B C8     1 
ATOM 359 N N7     . DG B 1 6 ? -8.484  -3.738  -3.210 1.00 0.00 ? 12 DG B N7     1 
ATOM 360 C C5     . DG B 1 6 ? -8.345  -2.665  -2.335 1.00 0.00 ? 12 DG B C5     1 
ATOM 361 C C6     . DG B 1 6 ? -8.197  -1.271  -2.596 1.00 0.00 ? 12 DG B C6     1 
ATOM 362 O O6     . DG B 1 6 ? -8.036  -0.710  -3.679 1.00 0.00 ? 12 DG B O6     1 
ATOM 363 N N1     . DG B 1 6 ? -8.257  -0.504  -1.445 1.00 0.00 ? 12 DG B N1     1 
ATOM 364 C C2     . DG B 1 6 ? -8.342  -1.019  -0.174 1.00 0.00 ? 12 DG B C2     1 
ATOM 365 N N2     . DG B 1 6 ? -8.409  -0.168  0.843  1.00 0.00 ? 12 DG B N2     1 
ATOM 366 N N3     . DG B 1 6 ? -8.391  -2.329  0.090  1.00 0.00 ? 12 DG B N3     1 
ATOM 367 C C4     . DG B 1 6 ? -8.407  -3.099  -1.032 1.00 0.00 ? 12 DG B C4     1 
ATOM 368 H "H5'"  . DG B 1 6 ? -5.767  -8.388  -0.678 1.00 0.00 ? 12 DG B "H5'"  1 
ATOM 369 H "H5''" . DG B 1 6 ? -7.100  -9.507  -0.336 1.00 0.00 ? 12 DG B "H5''" 1 
ATOM 370 H "H4'"  . DG B 1 6 ? -6.943  -7.461  1.258  1.00 0.00 ? 12 DG B "H4'"  1 
ATOM 371 H "H3'"  . DG B 1 6 ? -9.252  -8.554  0.464  1.00 0.00 ? 12 DG B "H3'"  1 
ATOM 372 H "H2'"  . DG B 1 6 ? -10.101 -6.692  -0.715 1.00 0.00 ? 12 DG B "H2'"  1 
ATOM 373 H "H2''" . DG B 1 6 ? -10.034 -6.102  1.007  1.00 0.00 ? 12 DG B "H2''" 1 
ATOM 374 H "H1'"  . DG B 1 6 ? -8.229  -4.875  1.012  1.00 0.00 ? 12 DG B "H1'"  1 
ATOM 375 H H8     . DG B 1 6 ? -8.740  -5.774  -2.796 1.00 0.00 ? 12 DG B H8     1 
ATOM 376 H H1     . DG B 1 6 ? -8.206  0.505   -1.583 1.00 0.00 ? 12 DG B H1     1 
ATOM 377 H H21    . DG B 1 6 ? -8.516  0.826   0.678  1.00 0.00 ? 12 DG B H21    1 
ATOM 378 H H22    . DG B 1 6 ? -8.409  -0.536  1.783  1.00 0.00 ? 12 DG B H22    1 
# 
